data_4XB8
#
_entry.id   4XB8
#
_cell.length_a   66.672
_cell.length_b   57.269
_cell.length_c   129.946
_cell.angle_alpha   90.00
_cell.angle_beta   93.65
_cell.angle_gamma   90.00
#
_symmetry.space_group_name_H-M   'P 1 21 1'
#
loop_
_entity.id
_entity.type
_entity.pdbx_description
1 polymer 'Down Syndrome Cell Adhesion Molecule, isoform 9.44'
2 branched alpha-D-mannopyranose-(1-6)-beta-D-mannopyranose-(1-4)-2-acetamido-2-deoxy-beta-D-glucopyranose-(1-4)-2-acetamido-2-deoxy-beta-D-glucopyranose
3 branched 2-acetamido-2-deoxy-beta-D-glucopyranose-(1-4)-2-acetamido-2-deoxy-beta-D-glucopyranose
4 non-polymer 'ZINC ION'
5 non-polymer 2-acetamido-2-deoxy-beta-D-glucopyranose
6 water water
#
_entity_poly.entity_id   1
_entity_poly.type   'polypeptide(L)'
_entity_poly.pdbx_seq_one_letter_code
;GGADQKGPVFLKEPTNRIDFSNSTGAEIECKASGNPMPEIIWIRSDGTAVGDVPGLRQISSDGKLVFPPFRAEDYRQEVH
AQVYACLARNQFGSIISRDVHVRAVVIQSYESEADNEYVIRGNSVVMKCEIPSYVADFVFVDLWLDSEGRNYYPNNAAET
DGKYLVLPSGELHIREVGPEDGYKSYQCRTKHRLTGETRLSATKGRLVITEPVGSKAPTFATASKISSLLGSSSSDIVLL
CQAQAFPVPYTRWYKFIEGTTRKQAVVLNDRVKQVSGTLIIKDAVVEDSGKYLCVVNNSVGGESVETVLTVTAPLSAKID
PPTQTVDFGRPAVFTCQYTGNPIKTVSWMKDGKAIGHSEPVLRIESVKKEDKGMYQCFVRNDQESAEASAELKLGG
;
_entity_poly.pdbx_strand_id   A,B
#
loop_
_chem_comp.id
_chem_comp.type
_chem_comp.name
_chem_comp.formula
BMA D-saccharide, beta linking beta-D-mannopyranose 'C6 H12 O6'
MAN D-saccharide, alpha linking alpha-D-mannopyranose 'C6 H12 O6'
NAG D-saccharide, beta linking 2-acetamido-2-deoxy-beta-D-glucopyranose 'C8 H15 N O6'
ZN non-polymer 'ZINC ION' 'Zn 2'
#
# COMPACT_ATOMS: atom_id res chain seq x y z
N GLN A 5 -1.84 -56.08 3.39
CA GLN A 5 -3.25 -55.67 3.62
C GLN A 5 -3.53 -54.30 3.02
N LYS A 6 -3.03 -53.25 3.68
CA LYS A 6 -3.29 -51.88 3.25
C LYS A 6 -2.01 -51.18 2.77
N GLY A 7 -2.18 -49.96 2.28
CA GLY A 7 -1.07 -49.19 1.76
C GLY A 7 -0.55 -48.22 2.79
N PRO A 8 0.53 -47.50 2.46
CA PRO A 8 1.07 -46.53 3.42
C PRO A 8 0.12 -45.37 3.64
N VAL A 9 -0.13 -45.04 4.90
CA VAL A 9 -0.94 -43.88 5.26
C VAL A 9 -0.10 -42.97 6.13
N PHE A 10 -0.10 -41.68 5.81
CA PHE A 10 0.68 -40.72 6.56
C PHE A 10 -0.01 -40.34 7.86
N LEU A 11 0.73 -40.48 8.96
CA LEU A 11 0.23 -40.13 10.29
C LEU A 11 0.80 -38.78 10.70
N LYS A 12 2.09 -38.79 11.02
CA LYS A 12 2.78 -37.57 11.41
C LYS A 12 3.67 -37.11 10.26
N GLU A 13 3.32 -35.96 9.69
CA GLU A 13 4.10 -35.35 8.62
C GLU A 13 4.74 -34.08 9.19
N PRO A 14 5.92 -33.69 8.67
CA PRO A 14 6.46 -32.40 9.12
C PRO A 14 5.60 -31.23 8.65
N THR A 15 6.06 -30.01 8.94
CA THR A 15 5.31 -28.81 8.62
C THR A 15 5.91 -28.12 7.42
N ASN A 16 5.05 -27.46 6.64
CA ASN A 16 5.46 -26.79 5.40
C ASN A 16 6.70 -25.91 5.56
N ARG A 17 6.81 -25.26 6.72
CA ARG A 17 7.95 -24.40 7.01
C ARG A 17 8.65 -24.82 8.30
N ILE A 18 9.91 -25.22 8.19
CA ILE A 18 10.74 -25.56 9.34
C ILE A 18 11.94 -24.63 9.40
N ASP A 19 11.97 -23.79 10.42
CA ASP A 19 13.03 -22.80 10.58
C ASP A 19 13.79 -23.04 11.88
N PHE A 20 15.10 -22.90 11.84
CA PHE A 20 15.92 -23.02 13.04
C PHE A 20 17.25 -22.30 12.87
N SER A 21 18.07 -22.33 13.92
CA SER A 21 19.32 -21.58 13.95
C SER A 21 20.52 -22.51 13.95
N ASN A 22 21.64 -21.99 13.46
CA ASN A 22 22.86 -22.78 13.35
C ASN A 22 23.34 -23.31 14.70
N SER A 23 22.94 -22.64 15.78
CA SER A 23 23.30 -23.07 17.13
C SER A 23 22.40 -24.19 17.63
N THR A 24 21.12 -24.14 17.24
CA THR A 24 20.14 -25.12 17.69
C THR A 24 20.28 -26.41 16.89
N GLY A 25 19.97 -26.32 15.60
CA GLY A 25 19.90 -27.48 14.74
C GLY A 25 18.46 -27.96 14.69
N ALA A 26 18.22 -29.05 13.95
CA ALA A 26 16.87 -29.58 13.84
C ALA A 26 16.91 -31.08 13.57
N GLU A 27 15.90 -31.78 14.06
CA GLU A 27 15.67 -33.16 13.69
C GLU A 27 14.18 -33.33 13.40
N ILE A 28 13.88 -33.72 12.17
CA ILE A 28 12.49 -33.78 11.72
C ILE A 28 12.06 -35.24 11.51
N GLU A 29 10.79 -35.51 11.77
CA GLU A 29 10.27 -36.87 11.78
C GLU A 29 9.16 -37.06 10.76
N CYS A 30 9.04 -38.29 10.27
CA CYS A 30 7.98 -38.65 9.35
C CYS A 30 7.46 -40.04 9.72
N LYS A 31 6.14 -40.19 9.76
CA LYS A 31 5.52 -41.42 10.22
C LYS A 31 4.46 -41.93 9.26
N ALA A 32 4.55 -43.22 8.93
CA ALA A 32 3.59 -43.87 8.05
C ALA A 32 3.28 -45.27 8.56
N SER A 33 2.11 -45.78 8.20
CA SER A 33 1.68 -47.10 8.64
C SER A 33 1.00 -47.86 7.52
N GLY A 34 1.01 -49.19 7.63
CA GLY A 34 0.38 -50.05 6.65
C GLY A 34 0.96 -51.45 6.74
N ASN A 35 0.35 -52.39 6.01
CA ASN A 35 0.84 -53.77 5.97
C ASN A 35 1.27 -54.17 4.55
N PRO A 36 2.56 -54.45 4.34
CA PRO A 36 3.66 -54.39 5.32
C PRO A 36 4.03 -52.95 5.67
N MET A 37 4.63 -52.75 6.84
CA MET A 37 5.01 -51.41 7.28
C MET A 37 5.99 -50.77 6.30
N PRO A 38 5.69 -49.53 5.85
CA PRO A 38 6.58 -48.89 4.88
C PRO A 38 7.87 -48.38 5.52
N GLU A 39 8.86 -48.12 4.67
CA GLU A 39 10.13 -47.55 5.12
C GLU A 39 10.20 -46.11 4.66
N ILE A 40 10.61 -45.23 5.57
CA ILE A 40 10.58 -43.80 5.31
C ILE A 40 11.88 -43.35 4.65
N ILE A 41 11.74 -42.75 3.47
CA ILE A 41 12.89 -42.27 2.70
C ILE A 41 12.79 -40.76 2.51
N TRP A 42 13.90 -40.07 2.81
CA TRP A 42 13.96 -38.62 2.70
C TRP A 42 14.45 -38.21 1.33
N ILE A 43 13.84 -37.17 0.79
CA ILE A 43 14.06 -36.76 -0.58
C ILE A 43 13.86 -35.26 -0.73
N ARG A 44 14.37 -34.69 -1.81
CA ARG A 44 14.07 -33.31 -2.16
C ARG A 44 12.68 -33.25 -2.79
N SER A 45 12.22 -32.06 -3.13
CA SER A 45 10.87 -31.88 -3.65
C SER A 45 10.72 -32.53 -5.04
N ASP A 46 11.83 -32.57 -5.79
CA ASP A 46 11.80 -33.12 -7.14
C ASP A 46 11.90 -34.65 -7.11
N GLY A 47 12.02 -35.21 -5.90
CA GLY A 47 11.90 -36.65 -5.72
C GLY A 47 13.22 -37.40 -5.72
N THR A 48 14.32 -36.67 -5.63
CA THR A 48 15.65 -37.28 -5.60
C THR A 48 16.08 -37.52 -4.16
N ALA A 49 16.63 -38.70 -3.90
CA ALA A 49 17.06 -39.05 -2.55
C ALA A 49 18.20 -38.16 -2.09
N VAL A 50 18.33 -38.01 -0.77
CA VAL A 50 19.37 -37.18 -0.18
C VAL A 50 20.25 -38.03 0.73
N GLY A 51 21.56 -37.84 0.61
CA GLY A 51 22.52 -38.58 1.41
C GLY A 51 23.11 -37.73 2.50
N ASP A 52 24.07 -38.29 3.24
CA ASP A 52 24.71 -37.59 4.32
C ASP A 52 25.64 -36.49 3.82
N VAL A 53 25.82 -35.48 4.66
CA VAL A 53 26.82 -34.45 4.44
C VAL A 53 27.44 -34.19 5.81
N PRO A 54 28.44 -35.01 6.20
CA PRO A 54 28.87 -35.06 7.60
C PRO A 54 29.15 -33.68 8.20
N GLY A 55 28.52 -33.40 9.34
CA GLY A 55 28.64 -32.11 10.00
C GLY A 55 27.47 -31.19 9.67
N LEU A 56 26.78 -31.47 8.56
CA LEU A 56 25.65 -30.67 8.12
C LEU A 56 24.35 -31.48 8.13
N ARG A 57 24.29 -32.48 7.27
CA ARG A 57 23.10 -33.31 7.14
C ARG A 57 23.45 -34.77 7.35
N GLN A 58 22.77 -35.41 8.28
CA GLN A 58 22.96 -36.83 8.55
C GLN A 58 21.65 -37.51 8.88
N ILE A 59 21.39 -38.64 8.22
CA ILE A 59 20.22 -39.45 8.54
C ILE A 59 20.55 -40.31 9.75
N SER A 60 19.67 -40.29 10.75
CA SER A 60 19.94 -40.94 12.02
C SER A 60 19.40 -42.35 12.08
N SER A 61 19.45 -42.94 13.28
CA SER A 61 19.14 -44.34 13.50
C SER A 61 17.78 -44.78 12.94
N ASP A 62 16.71 -44.11 13.37
CA ASP A 62 15.37 -44.44 12.89
C ASP A 62 14.78 -43.30 12.06
N GLY A 63 14.81 -43.46 10.74
CA GLY A 63 14.01 -42.68 9.81
C GLY A 63 13.91 -41.19 10.10
N LYS A 64 14.99 -40.58 10.58
CA LYS A 64 14.93 -39.21 11.06
C LYS A 64 16.05 -38.35 10.49
N LEU A 65 15.65 -37.32 9.73
CA LEU A 65 16.59 -36.40 9.12
C LEU A 65 17.10 -35.39 10.15
N VAL A 66 18.42 -35.31 10.31
CA VAL A 66 19.03 -34.46 11.33
C VAL A 66 19.89 -33.36 10.71
N PHE A 67 19.83 -32.19 11.31
CA PHE A 67 20.68 -31.06 10.94
C PHE A 67 21.42 -30.56 12.16
N PRO A 68 22.58 -31.15 12.49
CA PRO A 68 23.27 -30.71 13.71
C PRO A 68 23.74 -29.26 13.59
N PRO A 69 24.05 -28.62 14.72
CA PRO A 69 24.54 -27.23 14.68
C PRO A 69 25.83 -27.12 13.88
N PHE A 70 26.14 -25.92 13.38
CA PHE A 70 27.26 -25.75 12.48
C PHE A 70 27.82 -24.34 12.52
N ARG A 71 29.09 -24.22 12.12
CA ARG A 71 29.72 -22.92 11.95
C ARG A 71 28.98 -22.11 10.88
N ALA A 72 28.97 -20.79 11.05
CA ALA A 72 28.41 -19.91 10.04
C ALA A 72 29.17 -20.10 8.74
N GLU A 73 30.43 -20.51 8.87
CA GLU A 73 31.31 -20.74 7.71
C GLU A 73 30.97 -22.05 7.00
N ASP A 74 30.39 -22.99 7.75
CA ASP A 74 30.05 -24.31 7.20
C ASP A 74 28.66 -24.31 6.58
N TYR A 75 28.01 -23.15 6.58
CA TYR A 75 26.70 -23.02 5.98
C TYR A 75 26.75 -23.41 4.51
N ARG A 76 25.86 -24.31 4.12
CA ARG A 76 25.75 -24.75 2.74
C ARG A 76 24.28 -24.67 2.32
N GLN A 77 24.04 -23.96 1.21
CA GLN A 77 22.68 -23.62 0.79
C GLN A 77 21.81 -24.84 0.52
N GLU A 78 22.29 -25.72 -0.36
CA GLU A 78 21.49 -26.85 -0.82
C GLU A 78 21.10 -27.79 0.32
N VAL A 79 21.87 -27.76 1.41
CA VAL A 79 21.52 -28.53 2.60
C VAL A 79 20.47 -27.82 3.46
N HIS A 80 20.69 -26.54 3.69
CA HIS A 80 19.96 -25.78 4.70
C HIS A 80 18.74 -25.09 4.12
N ALA A 81 18.94 -24.20 3.16
CA ALA A 81 17.82 -23.54 2.51
C ALA A 81 17.43 -24.42 1.33
N GLN A 82 16.31 -25.10 1.48
CA GLN A 82 15.97 -26.22 0.61
C GLN A 82 14.49 -26.55 0.68
N VAL A 83 14.01 -27.26 -0.33
CA VAL A 83 12.67 -27.86 -0.31
C VAL A 83 12.84 -29.37 -0.12
N TYR A 84 12.17 -29.91 0.88
CA TYR A 84 12.29 -31.33 1.21
C TYR A 84 10.97 -32.07 1.13
N ALA A 85 11.02 -33.36 1.42
CA ALA A 85 9.82 -34.20 1.44
C ALA A 85 10.11 -35.49 2.18
N CYS A 86 9.08 -36.33 2.29
CA CYS A 86 9.17 -37.59 3.01
C CYS A 86 8.43 -38.67 2.23
N LEU A 87 9.09 -39.80 2.00
CA LEU A 87 8.54 -40.86 1.16
C LEU A 87 8.32 -42.15 1.95
N ALA A 88 7.06 -42.53 2.09
CA ALA A 88 6.69 -43.81 2.70
C ALA A 88 6.34 -44.78 1.58
N ARG A 89 6.87 -46.00 1.66
CA ARG A 89 6.73 -46.95 0.56
C ARG A 89 6.71 -48.40 1.01
N ASN A 90 5.88 -49.19 0.33
CA ASN A 90 5.86 -50.64 0.50
C ASN A 90 5.35 -51.28 -0.80
N GLN A 91 4.99 -52.56 -0.72
CA GLN A 91 4.67 -53.38 -1.89
C GLN A 91 3.74 -52.70 -2.90
N PHE A 92 2.76 -51.97 -2.39
CA PHE A 92 1.64 -51.50 -3.21
C PHE A 92 2.04 -50.30 -4.07
N GLY A 93 2.40 -49.21 -3.40
CA GLY A 93 2.77 -47.99 -4.08
C GLY A 93 3.59 -47.09 -3.18
N SER A 94 3.82 -45.85 -3.62
CA SER A 94 4.60 -44.89 -2.85
C SER A 94 3.83 -43.60 -2.69
N ILE A 95 4.13 -42.86 -1.62
CA ILE A 95 3.50 -41.57 -1.40
C ILE A 95 4.50 -40.56 -0.83
N ILE A 96 4.28 -39.30 -1.19
CA ILE A 96 5.16 -38.20 -0.78
C ILE A 96 4.41 -37.25 0.14
N SER A 97 5.12 -36.66 1.09
CA SER A 97 4.54 -35.72 2.03
C SER A 97 4.38 -34.34 1.41
N ARG A 98 3.80 -33.42 2.18
CA ARG A 98 3.73 -32.02 1.75
C ARG A 98 5.15 -31.47 1.70
N ASP A 99 5.40 -30.53 0.79
CA ASP A 99 6.73 -29.99 0.65
C ASP A 99 7.14 -29.34 1.97
N VAL A 100 8.29 -29.75 2.49
CA VAL A 100 8.81 -29.21 3.74
C VAL A 100 9.89 -28.21 3.42
N HIS A 101 9.61 -26.94 3.66
CA HIS A 101 10.55 -25.88 3.34
C HIS A 101 11.43 -25.62 4.54
N VAL A 102 12.70 -25.98 4.42
CA VAL A 102 13.67 -25.73 5.48
C VAL A 102 14.44 -24.47 5.13
N ARG A 103 14.43 -23.50 6.04
CA ARG A 103 15.37 -22.40 6.01
C ARG A 103 16.06 -22.32 7.37
N ALA A 104 17.35 -22.63 7.38
CA ALA A 104 18.15 -22.51 8.59
C ALA A 104 18.90 -21.20 8.49
N VAL A 105 18.82 -20.41 9.55
CA VAL A 105 19.37 -19.07 9.53
C VAL A 105 20.42 -18.90 10.61
N VAL A 106 21.59 -18.43 10.21
CA VAL A 106 22.65 -18.17 11.14
C VAL A 106 22.24 -16.98 12.00
N ILE A 107 22.70 -16.94 13.24
CA ILE A 107 22.42 -15.82 14.12
C ILE A 107 23.17 -14.62 13.56
N GLN A 108 22.41 -13.56 13.26
CA GLN A 108 22.97 -12.35 12.70
C GLN A 108 22.48 -11.16 13.50
N SER A 109 23.42 -10.45 14.12
CA SER A 109 23.11 -9.34 15.00
C SER A 109 22.19 -8.34 14.30
N TYR A 110 21.18 -7.89 15.04
CA TYR A 110 20.18 -6.98 14.50
C TYR A 110 19.94 -5.85 15.50
N GLU A 111 19.28 -4.78 15.04
CA GLU A 111 18.97 -3.67 15.91
C GLU A 111 17.65 -3.03 15.48
N SER A 112 16.85 -2.63 16.46
CA SER A 112 15.54 -2.05 16.21
C SER A 112 15.57 -0.53 16.37
N GLU A 113 15.05 0.16 15.36
CA GLU A 113 14.98 1.61 15.37
C GLU A 113 13.55 2.06 15.69
N ALA A 114 13.35 2.62 16.88
CA ALA A 114 12.06 3.19 17.25
C ALA A 114 12.00 4.61 16.69
N ASP A 115 11.02 4.85 15.82
CA ASP A 115 10.99 6.08 15.05
C ASP A 115 10.20 7.18 15.74
N ASN A 116 10.78 8.37 15.80
CA ASN A 116 10.06 9.55 16.27
C ASN A 116 8.90 9.83 15.31
N GLU A 117 7.71 9.98 15.87
CA GLU A 117 6.49 10.15 15.07
C GLU A 117 5.87 11.52 15.32
N TYR A 118 5.64 12.26 14.23
CA TYR A 118 5.10 13.60 14.31
C TYR A 118 3.59 13.58 14.44
N VAL A 119 3.05 14.52 15.20
CA VAL A 119 1.65 14.51 15.57
C VAL A 119 1.14 15.92 15.88
N ILE A 120 -0.15 16.13 15.71
CA ILE A 120 -0.82 17.33 16.21
C ILE A 120 -1.64 16.97 17.44
N ARG A 121 -1.58 17.83 18.46
CA ARG A 121 -2.24 17.56 19.72
C ARG A 121 -3.73 17.25 19.55
N GLY A 122 -4.21 16.27 20.30
CA GLY A 122 -5.60 15.87 20.26
C GLY A 122 -5.83 14.69 19.34
N ASN A 123 -4.91 14.50 18.39
CA ASN A 123 -4.97 13.35 17.50
C ASN A 123 -4.37 12.11 18.14
N SER A 124 -4.98 10.96 17.87
CA SER A 124 -4.44 9.69 18.32
C SER A 124 -3.30 9.30 17.41
N VAL A 125 -2.34 8.53 17.93
CA VAL A 125 -1.18 8.13 17.16
C VAL A 125 -0.84 6.65 17.31
N VAL A 126 -0.12 6.15 16.32
CA VAL A 126 0.42 4.81 16.34
C VAL A 126 1.88 4.89 15.94
N MET A 127 2.77 4.49 16.84
CA MET A 127 4.19 4.48 16.54
C MET A 127 4.69 3.05 16.37
N LYS A 128 5.65 2.92 15.47
CA LYS A 128 6.04 1.63 14.92
C LYS A 128 7.48 1.30 15.30
N CYS A 129 7.76 0.01 15.47
CA CYS A 129 9.12 -0.43 15.67
C CYS A 129 9.68 -0.80 14.31
N GLU A 130 10.60 -0.01 13.79
CA GLU A 130 11.16 -0.29 12.48
C GLU A 130 12.12 -1.45 12.60
N ILE A 131 11.83 -2.52 11.85
CA ILE A 131 12.64 -3.72 11.88
C ILE A 131 13.12 -4.02 10.47
N PRO A 132 14.36 -4.50 10.34
CA PRO A 132 14.88 -4.78 9.00
C PRO A 132 14.08 -5.85 8.27
N SER A 133 14.16 -5.84 6.94
CA SER A 133 13.44 -6.80 6.11
C SER A 133 13.82 -8.24 6.44
N TYR A 134 15.10 -8.46 6.75
CA TYR A 134 15.63 -9.82 6.82
C TYR A 134 15.29 -10.55 8.12
N VAL A 135 15.21 -9.84 9.24
CA VAL A 135 14.80 -10.45 10.52
C VAL A 135 13.30 -10.39 10.76
N ALA A 136 12.59 -9.59 9.95
CA ALA A 136 11.18 -9.28 10.19
C ALA A 136 10.35 -10.53 10.40
N ASP A 137 10.73 -11.60 9.71
CA ASP A 137 10.00 -12.87 9.82
C ASP A 137 10.28 -13.57 11.15
N PHE A 138 11.50 -13.42 11.65
CA PHE A 138 11.92 -14.13 12.87
C PHE A 138 11.82 -13.30 14.15
N VAL A 139 11.41 -12.03 14.02
CA VAL A 139 11.40 -11.12 15.17
C VAL A 139 10.09 -10.34 15.25
N PHE A 140 9.69 -10.08 16.49
CA PHE A 140 8.53 -9.26 16.77
C PHE A 140 8.71 -8.55 18.10
N VAL A 141 7.73 -7.73 18.47
CA VAL A 141 7.83 -6.93 19.70
C VAL A 141 7.40 -7.75 20.92
N ASP A 142 8.28 -7.79 21.91
CA ASP A 142 7.99 -8.47 23.17
C ASP A 142 7.10 -7.58 24.03
N LEU A 143 7.44 -6.29 24.07
CA LEU A 143 6.64 -5.30 24.79
C LEU A 143 7.08 -3.89 24.44
N TRP A 144 6.41 -2.91 25.03
CA TRP A 144 6.81 -1.50 24.92
C TRP A 144 7.19 -0.97 26.29
N LEU A 145 8.08 0.01 26.30
CA LEU A 145 8.61 0.55 27.55
C LEU A 145 8.81 2.05 27.41
N ASP A 146 8.42 2.82 28.42
CA ASP A 146 8.63 4.26 28.40
C ASP A 146 9.78 4.67 29.32
N SER A 147 10.07 5.96 29.36
CA SER A 147 11.15 6.49 30.18
C SER A 147 10.78 6.52 31.66
N GLU A 148 9.48 6.47 31.93
CA GLU A 148 8.98 6.53 33.30
C GLU A 148 8.95 5.14 33.94
N GLY A 149 9.17 4.11 33.12
CA GLY A 149 9.32 2.76 33.62
C GLY A 149 8.04 1.95 33.61
N ARG A 150 7.06 2.36 32.81
CA ARG A 150 5.83 1.58 32.67
C ARG A 150 5.90 0.66 31.47
N ASN A 151 5.83 -0.64 31.73
CA ASN A 151 5.77 -1.64 30.68
C ASN A 151 4.37 -1.74 30.10
N TYR A 152 4.26 -1.58 28.78
CA TYR A 152 3.00 -1.80 28.09
C TYR A 152 3.07 -3.14 27.38
N TYR A 153 2.32 -4.11 27.89
CA TYR A 153 2.40 -5.48 27.38
C TYR A 153 1.43 -5.70 26.22
N PRO A 154 1.83 -6.49 25.22
CA PRO A 154 0.93 -6.76 24.10
C PRO A 154 -0.17 -7.73 24.49
N ASN A 155 -1.36 -7.56 23.92
CA ASN A 155 -2.51 -8.37 24.29
C ASN A 155 -3.50 -8.51 23.13
N ASN A 156 -4.18 -9.65 23.08
CA ASN A 156 -5.39 -9.74 22.29
C ASN A 156 -6.32 -8.69 22.88
N ALA A 157 -7.09 -7.98 22.05
CA ALA A 157 -7.86 -6.88 22.60
C ALA A 157 -9.21 -7.41 23.03
N ALA A 158 -9.34 -7.68 24.32
CA ALA A 158 -10.62 -7.94 24.95
C ALA A 158 -11.23 -6.61 25.33
N GLU A 159 -10.38 -5.75 25.88
CA GLU A 159 -10.77 -4.41 26.28
C GLU A 159 -9.94 -3.39 25.51
N THR A 160 -10.60 -2.66 24.63
CA THR A 160 -9.94 -1.62 23.85
C THR A 160 -10.03 -0.28 24.58
N ASP A 161 -10.70 -0.29 25.72
CA ASP A 161 -10.85 0.92 26.52
C ASP A 161 -9.59 1.15 27.34
N GLY A 162 -8.94 2.29 27.07
CA GLY A 162 -7.73 2.66 27.77
C GLY A 162 -7.02 3.75 27.00
N LYS A 163 -6.06 4.40 27.64
CA LYS A 163 -5.27 5.44 26.99
C LYS A 163 -4.24 4.80 26.07
N TYR A 164 -3.57 3.78 26.59
CA TYR A 164 -2.53 3.07 25.86
C TYR A 164 -2.97 1.66 25.50
N LEU A 165 -2.74 1.28 24.25
CA LEU A 165 -3.02 -0.07 23.81
C LEU A 165 -1.89 -0.60 22.92
N VAL A 166 -1.33 -1.74 23.32
CA VAL A 166 -0.39 -2.44 22.45
C VAL A 166 -1.16 -3.48 21.66
N LEU A 167 -1.27 -3.24 20.36
CA LEU A 167 -2.09 -4.05 19.49
C LEU A 167 -1.26 -5.20 18.89
N PRO A 168 -1.91 -6.29 18.46
CA PRO A 168 -1.20 -7.50 18.02
C PRO A 168 -0.27 -7.29 16.82
N SER A 169 -0.52 -6.29 15.98
CA SER A 169 0.33 -6.07 14.81
C SER A 169 1.69 -5.52 15.24
N GLY A 170 1.84 -5.22 16.53
CA GLY A 170 3.12 -4.90 17.13
C GLY A 170 3.34 -3.44 17.48
N GLU A 171 2.34 -2.60 17.21
CA GLU A 171 2.48 -1.16 17.46
C GLU A 171 1.97 -0.75 18.84
N LEU A 172 2.12 0.54 19.13
CA LEU A 172 1.62 1.14 20.36
C LEU A 172 0.65 2.26 20.00
N HIS A 173 -0.63 2.07 20.33
CA HIS A 173 -1.65 3.04 20.01
C HIS A 173 -1.91 3.94 21.21
N ILE A 174 -1.90 5.25 20.97
CA ILE A 174 -2.14 6.24 22.03
C ILE A 174 -3.29 7.15 21.62
N ARG A 175 -4.31 7.20 22.48
CA ARG A 175 -5.51 7.96 22.21
C ARG A 175 -5.36 9.46 22.48
N GLU A 176 -5.55 10.26 21.45
CA GLU A 176 -5.63 11.71 21.60
C GLU A 176 -4.47 12.28 22.40
N VAL A 177 -3.29 12.27 21.79
CA VAL A 177 -2.06 12.68 22.46
C VAL A 177 -2.17 14.12 22.94
N GLY A 178 -1.43 14.41 24.02
CA GLY A 178 -1.43 15.73 24.63
C GLY A 178 -0.09 15.99 25.27
N PRO A 179 0.06 17.13 25.96
CA PRO A 179 1.35 17.54 26.52
C PRO A 179 1.92 16.52 27.52
N GLU A 180 1.04 15.87 28.28
CA GLU A 180 1.47 14.93 29.31
C GLU A 180 2.24 13.76 28.70
N ASP A 181 1.99 13.49 27.43
CA ASP A 181 2.65 12.41 26.71
C ASP A 181 3.86 12.93 25.92
N GLY A 182 4.09 14.24 25.99
CA GLY A 182 5.10 14.89 25.17
C GLY A 182 6.52 14.59 25.58
N TYR A 183 6.82 14.71 26.87
CA TYR A 183 8.19 14.54 27.36
C TYR A 183 8.48 13.11 27.78
N LYS A 184 7.51 12.22 27.58
CA LYS A 184 7.74 10.79 27.73
C LYS A 184 8.39 10.24 26.47
N SER A 185 9.31 9.29 26.62
CA SER A 185 9.97 8.64 25.48
C SER A 185 9.79 7.12 25.59
N TYR A 186 9.71 6.45 24.45
CA TYR A 186 9.31 5.04 24.40
C TYR A 186 10.33 4.12 23.72
N GLN A 187 10.59 2.99 24.36
CA GLN A 187 11.38 1.92 23.76
C GLN A 187 10.50 0.71 23.44
N CYS A 188 10.85 -0.02 22.40
CA CYS A 188 10.27 -1.32 22.12
C CYS A 188 11.38 -2.36 22.16
N ARG A 189 11.16 -3.44 22.90
CA ARG A 189 12.12 -4.53 22.95
C ARG A 189 11.57 -5.71 22.16
N THR A 190 12.44 -6.35 21.39
CA THR A 190 12.03 -7.38 20.46
C THR A 190 12.61 -8.73 20.83
N LYS A 191 11.94 -9.80 20.39
CA LYS A 191 12.36 -11.15 20.70
C LYS A 191 12.54 -11.95 19.40
N HIS A 192 13.64 -12.69 19.32
CA HIS A 192 13.90 -13.56 18.19
C HIS A 192 13.26 -14.93 18.46
N ARG A 193 12.32 -15.34 17.61
CA ARG A 193 11.51 -16.53 17.90
C ARG A 193 12.31 -17.82 17.82
N LEU A 194 13.51 -17.75 17.24
CA LEU A 194 14.43 -18.89 17.22
C LEU A 194 15.28 -18.87 18.48
N THR A 195 16.09 -17.81 18.63
CA THR A 195 16.97 -17.65 19.77
C THR A 195 16.18 -17.50 21.07
N GLY A 196 15.22 -16.58 21.08
CA GLY A 196 14.41 -16.32 22.25
C GLY A 196 15.04 -15.29 23.17
N GLU A 197 16.05 -14.59 22.67
CA GLU A 197 16.72 -13.56 23.45
C GLU A 197 16.16 -12.17 23.13
N THR A 198 15.99 -11.38 24.18
CA THR A 198 15.36 -10.06 24.07
C THR A 198 16.38 -8.95 23.93
N ARG A 199 16.04 -7.94 23.13
CA ARG A 199 16.92 -6.80 22.91
C ARG A 199 16.13 -5.49 22.85
N LEU A 200 16.53 -4.51 23.65
CA LEU A 200 15.88 -3.21 23.66
C LEU A 200 16.23 -2.42 22.40
N SER A 201 15.36 -1.49 22.03
CA SER A 201 15.61 -0.62 20.88
C SER A 201 16.82 0.27 21.15
N ALA A 202 17.66 0.42 20.14
CA ALA A 202 18.86 1.25 20.27
C ALA A 202 18.49 2.72 20.39
N THR A 203 17.70 3.20 19.43
CA THR A 203 17.23 4.58 19.42
C THR A 203 15.83 4.67 20.03
N LYS A 204 15.61 5.71 20.83
CA LYS A 204 14.34 5.90 21.51
C LYS A 204 13.46 6.88 20.74
N GLY A 205 12.21 6.51 20.53
CA GLY A 205 11.25 7.38 19.87
C GLY A 205 10.59 8.29 20.90
N ARG A 206 10.25 9.49 20.46
CA ARG A 206 9.59 10.46 21.33
C ARG A 206 8.45 11.12 20.55
N LEU A 207 7.38 11.45 21.26
CA LEU A 207 6.25 12.11 20.63
C LEU A 207 6.56 13.58 20.41
N VAL A 208 6.53 14.00 19.15
CA VAL A 208 6.73 15.40 18.81
C VAL A 208 5.36 16.00 18.52
N ILE A 209 4.88 16.82 19.45
CA ILE A 209 3.52 17.36 19.35
C ILE A 209 3.57 18.79 18.85
N THR A 210 3.10 18.99 17.63
CA THR A 210 2.91 20.32 17.09
C THR A 210 1.61 20.85 17.73
N GLU A 211 1.29 22.11 17.50
CA GLU A 211 0.10 22.72 18.07
C GLU A 211 -0.85 23.08 16.93
N PRO A 212 -2.15 23.18 17.22
CA PRO A 212 -3.10 23.48 16.14
C PRO A 212 -2.86 24.88 15.56
N VAL A 213 -1.79 24.98 14.78
CA VAL A 213 -1.41 26.22 14.13
C VAL A 213 -2.57 26.71 13.26
N GLY A 214 -2.97 25.87 12.29
CA GLY A 214 -4.06 26.18 11.40
C GLY A 214 -5.26 25.28 11.59
N SER A 215 -6.05 25.17 10.52
CA SER A 215 -7.04 24.12 10.36
C SER A 215 -6.88 23.63 8.92
N LYS A 216 -6.61 22.35 8.75
CA LYS A 216 -6.14 21.83 7.47
C LYS A 216 -6.80 20.52 7.05
N ALA A 217 -6.39 20.02 5.89
CA ALA A 217 -6.93 18.79 5.34
C ALA A 217 -6.45 17.57 6.14
N PRO A 218 -7.19 16.45 6.03
CA PRO A 218 -6.66 15.18 6.56
C PRO A 218 -5.46 14.72 5.77
N THR A 219 -4.39 14.34 6.46
CA THR A 219 -3.15 13.95 5.80
C THR A 219 -2.66 12.60 6.30
N PHE A 220 -2.68 11.61 5.40
CA PHE A 220 -2.15 10.29 5.70
C PHE A 220 -0.63 10.33 5.67
N ALA A 221 -0.01 9.37 6.36
CA ALA A 221 1.44 9.32 6.46
C ALA A 221 2.10 9.04 5.11
N THR A 222 1.33 8.53 4.17
CA THR A 222 1.83 8.24 2.83
C THR A 222 0.83 8.65 1.75
N ALA A 223 1.31 8.71 0.51
CA ALA A 223 0.48 9.11 -0.62
C ALA A 223 -0.31 7.92 -1.15
N SER A 224 -0.12 6.75 -0.53
CA SER A 224 -0.79 5.54 -1.00
C SER A 224 -2.27 5.56 -0.64
N LYS A 225 -3.12 5.49 -1.66
CA LYS A 225 -4.56 5.44 -1.49
C LYS A 225 -5.08 4.00 -1.45
N ILE A 226 -4.16 3.04 -1.53
CA ILE A 226 -4.52 1.64 -1.42
C ILE A 226 -3.41 0.83 -0.75
N SER A 227 -3.80 -0.22 -0.04
CA SER A 227 -2.86 -1.10 0.62
C SER A 227 -3.40 -2.53 0.59
N SER A 228 -2.64 -3.46 1.15
CA SER A 228 -3.12 -4.81 1.35
C SER A 228 -2.43 -5.43 2.54
N LEU A 229 -3.10 -6.38 3.17
CA LEU A 229 -2.51 -7.14 4.28
C LEU A 229 -3.15 -8.51 4.35
N LEU A 230 -2.45 -9.42 5.03
CA LEU A 230 -2.91 -10.79 5.16
C LEU A 230 -2.86 -11.18 6.63
N GLY A 231 -3.76 -12.09 7.01
CA GLY A 231 -3.81 -12.57 8.38
C GLY A 231 -4.35 -13.98 8.43
N SER A 232 -4.01 -14.70 9.49
CA SER A 232 -4.47 -16.07 9.65
C SER A 232 -5.92 -16.06 10.12
N SER A 233 -6.51 -17.25 10.28
CA SER A 233 -7.91 -17.35 10.63
C SER A 233 -8.18 -17.05 12.10
N SER A 234 -7.40 -17.67 12.99
CA SER A 234 -7.63 -17.55 14.43
C SER A 234 -6.95 -16.30 15.01
N SER A 235 -6.10 -15.67 14.21
CA SER A 235 -5.37 -14.49 14.66
C SER A 235 -6.29 -13.28 14.75
N ASP A 236 -5.85 -12.28 15.52
CA ASP A 236 -6.57 -11.03 15.64
C ASP A 236 -5.91 -10.01 14.74
N ILE A 237 -6.60 -9.64 13.67
CA ILE A 237 -6.03 -8.80 12.61
C ILE A 237 -6.36 -7.34 12.85
N VAL A 238 -5.41 -6.47 12.52
CA VAL A 238 -5.56 -5.04 12.73
C VAL A 238 -5.36 -4.24 11.44
N LEU A 239 -6.43 -3.63 10.96
CA LEU A 239 -6.36 -2.62 9.91
C LEU A 239 -5.98 -1.29 10.55
N LEU A 240 -5.40 -0.40 9.76
CA LEU A 240 -4.96 0.89 10.26
C LEU A 240 -5.53 2.06 9.47
N CYS A 241 -5.81 3.15 10.18
CA CYS A 241 -5.97 4.44 9.57
C CYS A 241 -5.06 5.41 10.32
N GLN A 242 -4.01 5.85 9.66
CA GLN A 242 -2.98 6.70 10.27
C GLN A 242 -3.25 8.18 10.03
N ALA A 243 -4.44 8.47 9.47
CA ALA A 243 -4.82 9.82 9.10
C ALA A 243 -4.60 10.81 10.23
N GLN A 244 -4.08 11.99 9.87
CA GLN A 244 -3.74 13.02 10.83
C GLN A 244 -4.33 14.35 10.37
N ALA A 245 -4.71 15.20 11.32
CA ALA A 245 -5.33 16.47 10.98
C ALA A 245 -5.64 17.34 12.18
N PHE A 246 -5.97 18.60 11.89
CA PHE A 246 -6.70 19.43 12.82
C PHE A 246 -7.77 20.21 12.04
N PRO A 247 -8.98 20.37 12.60
CA PRO A 247 -9.46 19.79 13.87
C PRO A 247 -9.55 18.27 13.82
N VAL A 248 -9.36 17.63 14.97
CA VAL A 248 -9.29 16.17 15.04
C VAL A 248 -10.56 15.54 14.47
N PRO A 249 -10.42 14.71 13.42
CA PRO A 249 -11.61 14.17 12.74
C PRO A 249 -12.12 12.85 13.31
N TYR A 250 -13.18 12.35 12.67
CA TYR A 250 -13.81 11.09 13.05
C TYR A 250 -13.59 10.06 11.94
N THR A 251 -13.55 8.79 12.33
CA THR A 251 -13.26 7.71 11.39
C THR A 251 -14.46 6.80 11.19
N ARG A 252 -14.66 6.39 9.94
CA ARG A 252 -15.73 5.47 9.58
C ARG A 252 -15.18 4.38 8.66
N TRP A 253 -15.32 3.12 9.08
CA TRP A 253 -14.84 1.99 8.30
C TRP A 253 -15.97 1.39 7.47
N TYR A 254 -15.67 1.11 6.20
CA TYR A 254 -16.64 0.49 5.29
C TYR A 254 -16.03 -0.72 4.61
N LYS A 255 -16.90 -1.63 4.19
CA LYS A 255 -16.49 -2.81 3.44
C LYS A 255 -17.21 -2.87 2.11
N PHE A 256 -16.46 -3.12 1.04
CA PHE A 256 -17.02 -3.16 -0.30
C PHE A 256 -17.78 -4.44 -0.56
N ILE A 257 -18.91 -4.32 -1.25
CA ILE A 257 -19.63 -5.48 -1.75
C ILE A 257 -18.96 -5.91 -3.05
N GLU A 258 -18.75 -7.21 -3.20
CA GLU A 258 -17.82 -7.75 -4.19
C GLU A 258 -18.20 -7.43 -5.64
N GLY A 259 -17.23 -6.91 -6.38
CA GLY A 259 -17.37 -6.70 -7.81
C GLY A 259 -18.30 -5.57 -8.20
N THR A 260 -18.59 -4.67 -7.25
CA THR A 260 -19.47 -3.55 -7.50
C THR A 260 -19.00 -2.27 -6.82
N THR A 261 -19.59 -1.15 -7.23
CA THR A 261 -19.21 0.17 -6.74
C THR A 261 -19.94 0.51 -5.45
N ARG A 262 -20.78 -0.41 -4.97
CA ARG A 262 -21.62 -0.15 -3.80
C ARG A 262 -20.92 -0.59 -2.52
N LYS A 263 -20.90 0.31 -1.53
CA LYS A 263 -20.21 0.06 -0.27
C LYS A 263 -21.18 -0.38 0.82
N GLN A 264 -20.62 -0.70 1.99
CA GLN A 264 -21.42 -0.97 3.17
C GLN A 264 -20.60 -0.66 4.42
N ALA A 265 -21.28 -0.22 5.47
CA ALA A 265 -20.62 0.15 6.72
C ALA A 265 -20.30 -1.06 7.56
N VAL A 266 -19.19 -1.00 8.28
CA VAL A 266 -18.75 -2.11 9.13
C VAL A 266 -19.49 -2.10 10.45
N VAL A 267 -20.07 -3.25 10.79
CA VAL A 267 -20.83 -3.40 12.04
C VAL A 267 -19.88 -3.78 13.17
N LEU A 268 -19.84 -2.97 14.21
CA LEU A 268 -18.97 -3.21 15.35
C LEU A 268 -19.64 -4.12 16.38
N ASN A 269 -18.88 -5.10 16.85
CA ASN A 269 -19.36 -6.08 17.81
C ASN A 269 -18.43 -6.11 19.02
N ASP A 270 -18.64 -7.07 19.92
CA ASP A 270 -17.66 -7.37 20.95
C ASP A 270 -16.51 -8.16 20.29
N ARG A 271 -16.73 -8.55 19.05
CA ARG A 271 -15.71 -9.17 18.22
C ARG A 271 -14.96 -8.08 17.44
N VAL A 272 -15.68 -7.39 16.57
CA VAL A 272 -15.10 -6.31 15.77
C VAL A 272 -15.13 -4.99 16.55
N LYS A 273 -13.94 -4.43 16.79
CA LYS A 273 -13.79 -3.24 17.62
C LYS A 273 -13.15 -2.09 16.84
N GLN A 274 -13.35 -0.88 17.32
CA GLN A 274 -12.71 0.29 16.73
C GLN A 274 -12.05 1.16 17.79
N VAL A 275 -10.82 1.59 17.51
CA VAL A 275 -10.06 2.46 18.38
C VAL A 275 -9.44 3.56 17.53
N SER A 276 -9.80 4.81 17.81
CA SER A 276 -9.41 5.92 16.93
C SER A 276 -9.88 5.57 15.52
N GLY A 277 -8.93 5.41 14.60
CA GLY A 277 -9.23 4.93 13.25
C GLY A 277 -8.87 3.47 13.08
N THR A 278 -8.39 2.85 14.15
CA THR A 278 -7.92 1.46 14.10
C THR A 278 -9.08 0.48 14.18
N LEU A 279 -9.20 -0.39 13.17
CA LEU A 279 -10.20 -1.43 13.15
C LEU A 279 -9.60 -2.76 13.60
N ILE A 280 -10.31 -3.49 14.45
CA ILE A 280 -9.81 -4.75 15.00
C ILE A 280 -10.81 -5.87 14.75
N ILE A 281 -10.36 -6.85 13.98
CA ILE A 281 -11.19 -7.96 13.49
C ILE A 281 -11.07 -9.20 14.39
N LYS A 282 -10.59 -9.01 15.62
CA LYS A 282 -10.10 -10.10 16.47
C LYS A 282 -10.97 -11.36 16.47
N ASP A 283 -10.31 -12.52 16.49
CA ASP A 283 -10.95 -13.82 16.29
C ASP A 283 -11.59 -13.86 14.91
N ALA A 284 -10.75 -13.90 13.89
CA ALA A 284 -11.18 -13.70 12.50
C ALA A 284 -11.74 -14.96 11.85
N VAL A 285 -12.20 -14.80 10.62
CA VAL A 285 -12.71 -15.88 9.80
C VAL A 285 -12.48 -15.51 8.34
N VAL A 286 -12.55 -16.48 7.45
CA VAL A 286 -12.26 -16.24 6.04
C VAL A 286 -13.18 -15.18 5.44
N GLU A 287 -14.43 -15.18 5.89
CA GLU A 287 -15.45 -14.31 5.30
C GLU A 287 -15.24 -12.84 5.69
N ASP A 288 -14.29 -12.59 6.58
CA ASP A 288 -13.93 -11.21 6.93
C ASP A 288 -13.18 -10.53 5.79
N SER A 289 -12.75 -11.33 4.81
CA SER A 289 -11.99 -10.83 3.68
C SER A 289 -12.82 -9.91 2.80
N GLY A 290 -12.16 -8.99 2.11
CA GLY A 290 -12.82 -8.09 1.20
C GLY A 290 -12.04 -6.80 1.06
N LYS A 291 -12.52 -5.90 0.20
CA LYS A 291 -11.94 -4.57 0.10
C LYS A 291 -12.58 -3.67 1.14
N TYR A 292 -11.74 -2.91 1.86
CA TYR A 292 -12.22 -2.00 2.88
C TYR A 292 -11.93 -0.57 2.49
N LEU A 293 -12.73 0.36 3.02
CA LEU A 293 -12.51 1.78 2.80
C LEU A 293 -12.57 2.53 4.12
N CYS A 294 -11.45 3.13 4.48
CA CYS A 294 -11.40 4.04 5.62
C CYS A 294 -11.70 5.45 5.13
N VAL A 295 -12.61 6.13 5.81
CA VAL A 295 -13.03 7.47 5.41
C VAL A 295 -12.94 8.42 6.59
N VAL A 296 -12.13 9.47 6.42
CA VAL A 296 -11.95 10.47 7.46
C VAL A 296 -12.26 11.85 6.90
N ASN A 297 -13.32 12.46 7.41
CA ASN A 297 -13.70 13.82 7.06
C ASN A 297 -13.50 14.75 8.25
N ASN A 298 -13.10 15.98 7.98
CA ASN A 298 -13.08 17.03 8.99
C ASN A 298 -13.72 18.30 8.43
N SER A 299 -13.70 19.37 9.21
CA SER A 299 -14.33 20.62 8.81
C SER A 299 -13.75 21.17 7.50
N VAL A 300 -12.47 20.91 7.26
CA VAL A 300 -11.77 21.48 6.11
C VAL A 300 -11.92 20.60 4.86
N GLY A 301 -12.36 19.37 5.05
CA GLY A 301 -12.50 18.44 3.93
C GLY A 301 -12.48 16.99 4.37
N GLY A 302 -12.16 16.09 3.44
CA GLY A 302 -12.10 14.68 3.74
C GLY A 302 -11.32 13.89 2.70
N GLU A 303 -10.80 12.74 3.12
CA GLU A 303 -10.06 11.85 2.22
C GLU A 303 -10.37 10.40 2.61
N SER A 304 -10.03 9.46 1.72
CA SER A 304 -10.34 8.05 1.94
C SER A 304 -9.21 7.14 1.47
N VAL A 305 -9.14 5.94 2.05
CA VAL A 305 -8.07 4.98 1.76
C VAL A 305 -8.60 3.55 1.67
N GLU A 306 -8.28 2.88 0.58
CA GLU A 306 -8.65 1.48 0.37
C GLU A 306 -7.68 0.51 1.04
N THR A 307 -8.20 -0.63 1.48
CA THR A 307 -7.36 -1.70 2.02
C THR A 307 -7.89 -3.06 1.58
N VAL A 308 -6.99 -3.92 1.10
CA VAL A 308 -7.36 -5.25 0.62
C VAL A 308 -6.93 -6.32 1.63
N LEU A 309 -7.91 -6.96 2.25
CA LEU A 309 -7.65 -7.99 3.25
C LEU A 309 -7.93 -9.38 2.70
N THR A 310 -7.07 -10.32 3.08
CA THR A 310 -7.26 -11.73 2.75
C THR A 310 -6.97 -12.57 3.98
N VAL A 311 -7.97 -13.31 4.44
CA VAL A 311 -7.81 -14.19 5.59
C VAL A 311 -7.52 -15.61 5.12
N THR A 312 -6.43 -16.17 5.64
CA THR A 312 -5.97 -17.49 5.22
C THR A 312 -6.33 -18.54 6.28
N ALA A 313 -6.68 -19.72 5.81
CA ALA A 313 -7.00 -20.85 6.68
C ALA A 313 -6.10 -22.03 6.35
N PRO A 314 -5.80 -22.87 7.36
CA PRO A 314 -4.89 -24.01 7.16
C PRO A 314 -5.38 -24.99 6.11
N LEU A 315 -4.52 -25.37 5.18
CA LEU A 315 -4.86 -26.31 4.13
C LEU A 315 -4.91 -27.74 4.66
N SER A 316 -6.04 -28.39 4.43
CA SER A 316 -6.20 -29.80 4.78
C SER A 316 -6.97 -30.49 3.68
N ALA A 317 -6.72 -31.78 3.50
CA ALA A 317 -7.36 -32.53 2.43
C ALA A 317 -7.63 -33.97 2.84
N LYS A 318 -8.74 -34.51 2.37
CA LYS A 318 -9.10 -35.89 2.63
C LYS A 318 -9.71 -36.51 1.37
N ILE A 319 -9.16 -37.66 0.96
CA ILE A 319 -9.63 -38.35 -0.23
C ILE A 319 -10.78 -39.28 0.10
N ASP A 320 -11.82 -39.23 -0.74
CA ASP A 320 -12.99 -40.10 -0.61
C ASP A 320 -13.12 -41.04 -1.81
N PRO A 321 -13.03 -42.37 -1.61
CA PRO A 321 -12.70 -43.13 -0.39
C PRO A 321 -11.19 -43.22 -0.15
N PRO A 322 -10.77 -43.49 1.10
CA PRO A 322 -9.35 -43.72 1.40
C PRO A 322 -8.80 -44.93 0.63
N THR A 323 -9.67 -45.90 0.37
CA THR A 323 -9.30 -47.08 -0.40
C THR A 323 -10.52 -47.63 -1.13
N GLN A 324 -10.31 -48.21 -2.30
CA GLN A 324 -11.38 -48.86 -3.02
C GLN A 324 -10.87 -50.00 -3.90
N THR A 325 -11.67 -51.07 -3.98
CA THR A 325 -11.35 -52.20 -4.82
C THR A 325 -12.23 -52.18 -6.06
N VAL A 326 -11.63 -52.47 -7.21
CA VAL A 326 -12.35 -52.46 -8.47
C VAL A 326 -11.84 -53.60 -9.34
N ASP A 327 -12.64 -53.99 -10.33
CA ASP A 327 -12.28 -55.08 -11.23
C ASP A 327 -11.91 -54.53 -12.59
N PHE A 328 -11.04 -55.26 -13.29
CA PHE A 328 -10.49 -54.83 -14.57
C PHE A 328 -11.60 -54.45 -15.54
N GLY A 329 -11.54 -53.24 -16.08
CA GLY A 329 -12.51 -52.75 -17.05
C GLY A 329 -13.52 -51.77 -16.48
N ARG A 330 -13.68 -51.77 -15.17
CA ARG A 330 -14.65 -50.89 -14.51
C ARG A 330 -14.01 -49.54 -14.13
N PRO A 331 -14.75 -48.43 -14.31
CA PRO A 331 -14.22 -47.12 -13.90
C PRO A 331 -13.92 -47.03 -12.41
N ALA A 332 -12.84 -46.31 -12.07
CA ALA A 332 -12.47 -46.04 -10.69
C ALA A 332 -12.20 -44.54 -10.55
N VAL A 333 -12.99 -43.88 -9.71
CA VAL A 333 -12.90 -42.44 -9.52
C VAL A 333 -12.41 -42.10 -8.12
N PHE A 334 -11.56 -41.08 -8.05
CA PHE A 334 -11.07 -40.52 -6.79
C PHE A 334 -11.46 -39.04 -6.72
N THR A 335 -11.96 -38.64 -5.55
CA THR A 335 -12.38 -37.26 -5.34
C THR A 335 -11.63 -36.65 -4.15
N CYS A 336 -10.90 -35.57 -4.41
CA CYS A 336 -10.13 -34.88 -3.37
C CYS A 336 -10.94 -33.73 -2.77
N GLN A 337 -11.19 -33.83 -1.46
CA GLN A 337 -11.97 -32.84 -0.73
C GLN A 337 -11.04 -32.01 0.15
N TYR A 338 -11.17 -30.70 0.09
CA TYR A 338 -10.20 -29.82 0.74
C TYR A 338 -10.82 -28.65 1.50
N THR A 339 -9.99 -28.02 2.32
CA THR A 339 -10.35 -26.83 3.06
C THR A 339 -9.16 -25.87 3.06
N GLY A 340 -9.26 -24.80 3.84
CA GLY A 340 -8.21 -23.81 3.91
C GLY A 340 -8.39 -22.77 2.83
N ASN A 341 -7.80 -21.60 3.03
CA ASN A 341 -7.88 -20.51 2.07
C ASN A 341 -6.53 -19.79 1.96
N PRO A 342 -6.17 -19.32 0.75
CA PRO A 342 -6.83 -19.56 -0.54
C PRO A 342 -6.35 -20.84 -1.21
N ILE A 343 -6.93 -21.13 -2.37
CA ILE A 343 -6.52 -22.28 -3.17
C ILE A 343 -6.11 -21.79 -4.56
N LYS A 344 -5.04 -22.38 -5.09
CA LYS A 344 -4.56 -22.08 -6.42
C LYS A 344 -4.54 -23.34 -7.26
N THR A 345 -3.73 -24.32 -6.85
CA THR A 345 -3.61 -25.57 -7.58
C THR A 345 -4.00 -26.79 -6.75
N VAL A 346 -4.93 -27.57 -7.30
CA VAL A 346 -5.16 -28.94 -6.85
C VAL A 346 -4.58 -29.84 -7.95
N SER A 347 -3.77 -30.80 -7.55
CA SER A 347 -3.12 -31.68 -8.52
C SER A 347 -3.05 -33.11 -8.00
N TRP A 348 -2.90 -34.05 -8.94
CA TRP A 348 -2.95 -35.47 -8.63
C TRP A 348 -1.60 -36.14 -8.86
N MET A 349 -1.33 -37.16 -8.05
CA MET A 349 -0.07 -37.91 -8.15
C MET A 349 -0.31 -39.42 -8.05
N LYS A 350 0.53 -40.19 -8.73
CA LYS A 350 0.43 -41.65 -8.76
C LYS A 350 1.77 -42.29 -8.41
N ASP A 351 1.80 -42.97 -7.26
CA ASP A 351 3.01 -43.68 -6.81
C ASP A 351 4.24 -42.77 -6.80
N GLY A 352 4.02 -41.48 -6.55
CA GLY A 352 5.11 -40.52 -6.47
C GLY A 352 5.28 -39.70 -7.74
N LYS A 353 4.77 -40.22 -8.86
CA LYS A 353 4.87 -39.54 -10.14
C LYS A 353 3.57 -38.80 -10.47
N ALA A 354 3.72 -37.63 -11.10
CA ALA A 354 2.59 -36.73 -11.31
C ALA A 354 1.63 -37.17 -12.41
N ILE A 355 0.41 -36.65 -12.35
CA ILE A 355 -0.57 -36.74 -13.43
C ILE A 355 -1.07 -35.34 -13.69
N GLY A 356 -0.95 -34.84 -14.92
CA GLY A 356 -1.51 -33.54 -15.16
C GLY A 356 -3.02 -33.61 -15.05
N HIS A 357 -3.55 -32.97 -14.01
CA HIS A 357 -4.95 -32.60 -13.95
C HIS A 357 -5.04 -31.47 -12.92
N SER A 358 -5.91 -30.49 -13.17
CA SER A 358 -6.17 -29.43 -12.20
C SER A 358 -7.46 -29.71 -11.44
N GLU A 359 -8.11 -30.82 -11.76
CA GLU A 359 -9.45 -31.10 -11.25
C GLU A 359 -9.41 -31.87 -9.91
N PRO A 360 -10.34 -31.55 -8.98
CA PRO A 360 -10.43 -32.30 -7.73
C PRO A 360 -10.93 -33.73 -7.93
N VAL A 361 -11.54 -34.00 -9.09
CA VAL A 361 -12.07 -35.32 -9.39
C VAL A 361 -11.20 -36.04 -10.41
N LEU A 362 -10.49 -37.08 -9.94
CA LEU A 362 -9.72 -37.93 -10.84
C LEU A 362 -10.60 -39.09 -11.29
N ARG A 363 -10.75 -39.25 -12.60
CA ARG A 363 -11.58 -40.31 -13.14
C ARG A 363 -10.82 -41.16 -14.14
N ILE A 364 -10.60 -42.41 -13.78
CA ILE A 364 -10.09 -43.41 -14.70
C ILE A 364 -11.30 -44.20 -15.22
N GLU A 365 -11.28 -44.48 -16.50
CA GLU A 365 -12.45 -44.99 -17.21
C GLU A 365 -12.43 -46.52 -17.23
N SER A 366 -11.41 -47.09 -17.84
CA SER A 366 -11.19 -48.52 -17.78
C SER A 366 -9.90 -48.79 -16.98
N VAL A 367 -10.04 -49.51 -15.88
CA VAL A 367 -8.91 -49.85 -15.03
C VAL A 367 -7.96 -50.75 -15.80
N LYS A 368 -6.70 -50.78 -15.40
CA LYS A 368 -5.71 -51.71 -15.94
C LYS A 368 -4.92 -52.26 -14.76
N LYS A 369 -4.15 -53.31 -14.97
CA LYS A 369 -3.23 -53.79 -13.93
C LYS A 369 -2.18 -52.71 -13.68
N GLU A 370 -2.02 -51.85 -14.68
CA GLU A 370 -1.12 -50.71 -14.62
C GLU A 370 -1.52 -49.73 -13.51
N ASP A 371 -2.82 -49.45 -13.42
CA ASP A 371 -3.34 -48.39 -12.58
C ASP A 371 -3.30 -48.69 -11.09
N LYS A 372 -3.06 -49.95 -10.74
CA LYS A 372 -2.97 -50.35 -9.34
C LYS A 372 -1.82 -49.62 -8.66
N GLY A 373 -2.11 -49.04 -7.49
CA GLY A 373 -1.10 -48.35 -6.71
C GLY A 373 -1.70 -47.34 -5.76
N MET A 374 -0.89 -46.35 -5.38
CA MET A 374 -1.30 -45.32 -4.44
C MET A 374 -1.54 -44.00 -5.17
N TYR A 375 -2.58 -43.28 -4.74
CA TYR A 375 -2.96 -42.01 -5.35
C TYR A 375 -2.90 -40.89 -4.32
N GLN A 376 -2.59 -39.69 -4.79
CA GLN A 376 -2.51 -38.52 -3.92
C GLN A 376 -3.04 -37.28 -4.60
N CYS A 377 -3.70 -36.41 -3.83
CA CYS A 377 -4.07 -35.09 -4.31
C CYS A 377 -3.27 -34.05 -3.56
N PHE A 378 -2.71 -33.11 -4.31
CA PHE A 378 -1.90 -32.04 -3.73
C PHE A 378 -2.59 -30.69 -3.88
N VAL A 379 -3.04 -30.16 -2.75
CA VAL A 379 -3.63 -28.83 -2.69
C VAL A 379 -2.52 -27.85 -2.31
N ARG A 380 -2.48 -26.70 -2.97
CA ARG A 380 -1.39 -25.76 -2.76
C ARG A 380 -1.80 -24.31 -2.93
N ASN A 381 -1.17 -23.47 -2.14
CA ASN A 381 -1.15 -22.03 -2.35
C ASN A 381 0.27 -21.58 -2.05
N ASP A 382 0.59 -20.33 -2.38
CA ASP A 382 1.98 -19.86 -2.35
C ASP A 382 2.75 -20.22 -1.08
N GLN A 383 2.09 -20.05 0.08
CA GLN A 383 2.78 -20.22 1.36
C GLN A 383 2.57 -21.60 2.00
N GLU A 384 1.80 -22.47 1.35
CA GLU A 384 1.39 -23.73 2.01
C GLU A 384 0.99 -24.84 1.05
N SER A 385 0.99 -26.07 1.56
CA SER A 385 0.56 -27.24 0.80
C SER A 385 0.12 -28.35 1.75
N ALA A 386 -0.60 -29.35 1.23
CA ALA A 386 -1.05 -30.46 2.05
C ALA A 386 -1.13 -31.75 1.25
N GLU A 387 -1.10 -32.88 1.96
CA GLU A 387 -1.11 -34.21 1.33
C GLU A 387 -2.12 -35.14 1.98
N ALA A 388 -2.96 -35.73 1.13
CA ALA A 388 -3.89 -36.79 1.50
C ALA A 388 -3.55 -38.05 0.70
N SER A 389 -3.67 -39.22 1.35
CA SER A 389 -3.25 -40.49 0.77
C SER A 389 -4.43 -41.35 0.36
N ALA A 390 -4.23 -42.16 -0.68
CA ALA A 390 -5.28 -43.06 -1.16
C ALA A 390 -4.67 -44.31 -1.79
N GLU A 391 -5.40 -45.42 -1.71
CA GLU A 391 -4.98 -46.67 -2.33
C GLU A 391 -6.00 -47.17 -3.33
N LEU A 392 -5.53 -47.84 -4.37
CA LEU A 392 -6.38 -48.56 -5.30
C LEU A 392 -6.06 -50.05 -5.20
N LYS A 393 -7.06 -50.88 -5.50
CA LYS A 393 -6.88 -52.32 -5.48
C LYS A 393 -7.57 -52.96 -6.67
N LEU A 394 -7.26 -54.24 -6.90
CA LEU A 394 -7.76 -54.96 -8.07
C LEU A 394 -8.43 -56.27 -7.69
N GLY A 395 -9.27 -56.76 -8.61
CA GLY A 395 -9.96 -58.02 -8.42
C GLY A 395 -10.15 -58.75 -9.74
N GLN B 5 -24.86 44.60 -25.15
CA GLN B 5 -25.43 43.95 -26.37
C GLN B 5 -25.38 42.42 -26.26
N LYS B 6 -24.30 41.90 -25.68
CA LYS B 6 -24.06 40.46 -25.64
C LYS B 6 -23.65 39.95 -24.26
N GLY B 7 -23.66 38.64 -24.09
CA GLY B 7 -23.41 38.01 -22.81
C GLY B 7 -21.97 37.61 -22.53
N PRO B 8 -21.69 37.21 -21.29
CA PRO B 8 -20.36 36.95 -20.69
C PRO B 8 -19.70 35.61 -21.04
N VAL B 9 -18.38 35.57 -20.85
CA VAL B 9 -17.58 34.36 -20.86
C VAL B 9 -16.29 34.67 -20.09
N PHE B 10 -15.60 33.65 -19.59
CA PHE B 10 -14.47 33.88 -18.68
C PHE B 10 -13.13 34.03 -19.38
N LEU B 11 -12.59 35.24 -19.36
CA LEU B 11 -11.24 35.48 -19.88
C LEU B 11 -10.15 35.14 -18.87
N LYS B 12 -10.31 35.61 -17.63
CA LYS B 12 -9.32 35.41 -16.58
C LYS B 12 -9.91 34.56 -15.45
N GLU B 13 -9.32 33.39 -15.26
CA GLU B 13 -9.87 32.36 -14.38
C GLU B 13 -8.82 31.88 -13.37
N PRO B 14 -8.84 32.44 -12.15
CA PRO B 14 -7.79 32.20 -11.16
C PRO B 14 -7.47 30.73 -10.90
N THR B 15 -6.24 30.47 -10.45
CA THR B 15 -5.72 29.12 -10.26
C THR B 15 -6.60 28.30 -9.32
N ASN B 16 -6.67 27.00 -9.59
CA ASN B 16 -7.54 26.09 -8.84
C ASN B 16 -7.19 25.99 -7.37
N ARG B 17 -5.91 26.17 -7.05
CA ARG B 17 -5.45 26.05 -5.67
C ARG B 17 -4.41 27.13 -5.36
N ILE B 18 -4.60 27.80 -4.24
CA ILE B 18 -3.76 28.92 -3.84
C ILE B 18 -3.26 28.73 -2.41
N ASP B 19 -1.94 28.85 -2.25
CA ASP B 19 -1.29 28.69 -0.96
C ASP B 19 -0.36 29.87 -0.69
N PHE B 20 -0.16 30.18 0.59
CA PHE B 20 0.72 31.27 1.00
C PHE B 20 0.81 31.33 2.52
N SER B 21 1.82 32.05 3.01
CA SER B 21 2.09 32.12 4.44
C SER B 21 1.40 33.32 5.09
N ASN B 22 1.58 33.46 6.40
CA ASN B 22 0.99 34.58 7.14
C ASN B 22 1.80 35.85 6.92
N SER B 23 3.09 35.69 6.63
CA SER B 23 3.99 36.83 6.42
C SER B 23 3.82 37.43 5.03
N THR B 24 3.62 36.58 4.04
CA THR B 24 3.57 37.00 2.64
C THR B 24 2.29 37.76 2.33
N GLY B 25 1.16 37.05 2.39
CA GLY B 25 -0.12 37.57 1.96
C GLY B 25 -0.40 37.06 0.56
N ALA B 26 -1.48 37.55 -0.04
CA ALA B 26 -1.88 37.09 -1.37
C ALA B 26 -3.07 37.88 -1.87
N GLU B 27 -3.33 37.77 -3.17
CA GLU B 27 -4.45 38.47 -3.79
C GLU B 27 -4.88 37.77 -5.07
N ILE B 28 -6.12 38.02 -5.49
CA ILE B 28 -6.69 37.34 -6.65
C ILE B 28 -7.46 38.35 -7.50
N GLU B 29 -7.55 38.08 -8.79
CA GLU B 29 -8.29 38.95 -9.71
C GLU B 29 -9.07 38.12 -10.73
N CYS B 30 -10.32 38.51 -10.93
CA CYS B 30 -11.23 37.79 -11.83
C CYS B 30 -12.02 38.77 -12.70
N LYS B 31 -11.84 38.67 -14.03
CA LYS B 31 -12.68 39.40 -14.98
C LYS B 31 -13.48 38.38 -15.78
N ALA B 32 -14.43 38.84 -16.60
CA ALA B 32 -14.98 37.96 -17.63
C ALA B 32 -15.04 38.59 -19.03
N SER B 33 -16.15 39.29 -19.30
CA SER B 33 -16.46 39.80 -20.64
C SER B 33 -17.90 40.30 -20.70
N GLY B 34 -18.31 40.82 -21.86
CA GLY B 34 -19.71 40.94 -22.19
C GLY B 34 -20.26 42.35 -22.07
N ASN B 35 -21.57 42.48 -22.23
CA ASN B 35 -22.23 43.79 -22.10
C ASN B 35 -23.59 43.68 -21.41
N PRO B 36 -23.93 44.65 -20.55
CA PRO B 36 -23.08 45.76 -20.08
C PRO B 36 -21.93 45.25 -19.21
N MET B 37 -21.15 46.15 -18.61
CA MET B 37 -20.02 45.74 -17.78
C MET B 37 -20.54 44.79 -16.70
N PRO B 38 -20.09 43.52 -16.72
CA PRO B 38 -20.69 42.52 -15.83
C PRO B 38 -20.43 42.79 -14.36
N GLU B 39 -21.37 42.39 -13.51
CA GLU B 39 -21.19 42.51 -12.08
C GLU B 39 -20.30 41.37 -11.62
N ILE B 40 -19.12 41.70 -11.11
CA ILE B 40 -18.19 40.68 -10.65
C ILE B 40 -18.40 40.47 -9.16
N ILE B 41 -18.94 39.31 -8.82
CA ILE B 41 -19.26 38.99 -7.43
C ILE B 41 -18.44 37.79 -6.98
N TRP B 42 -17.89 37.91 -5.78
CA TRP B 42 -17.16 36.82 -5.16
C TRP B 42 -18.11 36.06 -4.24
N ILE B 43 -18.14 34.74 -4.40
CA ILE B 43 -19.02 33.90 -3.62
C ILE B 43 -18.28 32.68 -3.10
N ARG B 44 -18.62 32.27 -1.88
CA ARG B 44 -18.19 30.98 -1.37
C ARG B 44 -18.90 29.93 -2.21
N SER B 45 -18.40 28.69 -2.21
CA SER B 45 -18.84 27.68 -3.16
C SER B 45 -20.37 27.54 -3.21
N ASP B 46 -20.99 27.26 -2.07
CA ASP B 46 -22.44 27.35 -1.98
C ASP B 46 -22.79 28.82 -2.12
N GLY B 47 -23.83 29.11 -2.90
CA GLY B 47 -23.95 30.40 -3.56
C GLY B 47 -24.10 31.62 -2.70
N THR B 48 -24.07 31.47 -1.38
CA THR B 48 -24.15 32.62 -0.49
C THR B 48 -22.95 33.55 -0.74
N ALA B 49 -23.23 34.85 -0.82
CA ALA B 49 -22.20 35.85 -1.10
C ALA B 49 -21.31 36.08 0.10
N VAL B 50 -20.12 36.64 -0.16
CA VAL B 50 -19.15 36.92 0.90
C VAL B 50 -18.77 38.40 0.92
N GLY B 51 -18.78 38.97 2.12
CA GLY B 51 -18.36 40.35 2.33
C GLY B 51 -17.01 40.41 3.01
N ASP B 52 -16.69 41.57 3.57
CA ASP B 52 -15.37 41.79 4.16
C ASP B 52 -15.26 41.30 5.60
N VAL B 53 -14.07 40.81 5.93
CA VAL B 53 -13.64 40.65 7.32
C VAL B 53 -12.31 41.40 7.42
N PRO B 54 -12.38 42.75 7.54
CA PRO B 54 -11.23 43.63 7.28
C PRO B 54 -9.96 43.22 8.01
N GLY B 55 -8.84 43.30 7.29
CA GLY B 55 -7.54 42.87 7.80
C GLY B 55 -7.16 41.52 7.22
N LEU B 56 -8.17 40.77 6.77
CA LEU B 56 -7.96 39.45 6.17
C LEU B 56 -8.69 39.34 4.85
N ARG B 57 -10.01 39.43 4.90
CA ARG B 57 -10.84 39.40 3.70
C ARG B 57 -11.50 40.76 3.49
N GLN B 58 -11.11 41.43 2.42
CA GLN B 58 -11.80 42.63 1.99
C GLN B 58 -11.67 42.77 0.50
N ILE B 59 -12.71 43.27 -0.16
CA ILE B 59 -12.72 43.35 -1.60
C ILE B 59 -12.17 44.69 -2.04
N SER B 60 -11.01 44.64 -2.67
CA SER B 60 -10.34 45.82 -3.18
C SER B 60 -11.08 46.33 -4.40
N SER B 61 -10.80 47.58 -4.77
CA SER B 61 -11.41 48.19 -5.95
C SER B 61 -11.02 47.38 -7.18
N ASP B 62 -11.81 47.52 -8.24
CA ASP B 62 -11.77 46.67 -9.45
C ASP B 62 -12.62 45.41 -9.24
N GLY B 63 -13.17 45.25 -8.04
CA GLY B 63 -13.94 44.06 -7.71
C GLY B 63 -13.03 42.87 -7.61
N LYS B 64 -11.85 43.09 -7.03
CA LYS B 64 -10.83 42.05 -6.89
C LYS B 64 -10.60 41.79 -5.40
N LEU B 65 -10.23 40.56 -5.06
CA LEU B 65 -10.14 40.14 -3.67
C LEU B 65 -8.69 39.96 -3.22
N VAL B 66 -8.34 40.67 -2.15
CA VAL B 66 -6.98 40.64 -1.58
C VAL B 66 -6.98 39.95 -0.23
N PHE B 67 -5.86 39.31 0.10
CA PHE B 67 -5.67 38.68 1.40
C PHE B 67 -4.42 39.25 2.08
N PRO B 68 -4.58 40.37 2.80
CA PRO B 68 -3.43 41.00 3.46
C PRO B 68 -2.75 40.07 4.46
N PRO B 69 -1.42 40.23 4.65
CA PRO B 69 -0.72 39.42 5.66
C PRO B 69 -1.26 39.69 7.06
N PHE B 70 -1.09 38.72 7.96
CA PHE B 70 -1.72 38.78 9.26
C PHE B 70 -0.89 38.05 10.30
N ARG B 71 -1.11 38.35 11.57
CA ARG B 71 -0.42 37.65 12.65
C ARG B 71 -1.07 36.28 12.82
N ALA B 72 -0.50 35.46 13.70
CA ALA B 72 -0.96 34.08 13.85
C ALA B 72 -2.26 33.98 14.65
N GLU B 73 -2.37 34.79 15.69
CA GLU B 73 -3.48 34.71 16.63
C GLU B 73 -4.80 35.13 15.99
N ASP B 74 -4.74 36.10 15.07
CA ASP B 74 -5.93 36.63 14.44
C ASP B 74 -6.56 35.64 13.46
N TYR B 75 -5.86 34.53 13.24
CA TYR B 75 -6.31 33.50 12.30
C TYR B 75 -7.67 32.93 12.66
N ARG B 76 -8.57 32.92 11.68
CA ARG B 76 -9.87 32.25 11.80
C ARG B 76 -10.13 31.48 10.50
N GLN B 77 -10.71 30.30 10.61
CA GLN B 77 -10.78 29.36 9.50
C GLN B 77 -11.59 29.86 8.30
N GLU B 78 -12.82 30.31 8.55
CA GLU B 78 -13.78 30.56 7.47
C GLU B 78 -13.19 31.40 6.34
N VAL B 79 -12.34 32.34 6.71
CA VAL B 79 -11.71 33.22 5.72
C VAL B 79 -10.50 32.56 5.04
N HIS B 80 -9.66 31.89 5.82
CA HIS B 80 -8.37 31.40 5.32
C HIS B 80 -8.50 30.08 4.57
N ALA B 81 -8.71 28.99 5.31
CA ALA B 81 -8.93 27.70 4.68
C ALA B 81 -10.39 27.63 4.26
N GLN B 82 -10.62 27.54 2.96
CA GLN B 82 -11.97 27.70 2.41
C GLN B 82 -11.94 27.55 0.89
N VAL B 83 -13.12 27.36 0.32
CA VAL B 83 -13.28 27.31 -1.13
C VAL B 83 -14.13 28.48 -1.60
N TYR B 84 -13.53 29.36 -2.38
CA TYR B 84 -14.23 30.54 -2.89
C TYR B 84 -14.62 30.35 -4.35
N ALA B 85 -15.19 31.40 -4.93
CA ALA B 85 -15.55 31.39 -6.35
C ALA B 85 -15.79 32.82 -6.82
N CYS B 86 -16.21 32.94 -8.08
CA CYS B 86 -16.43 34.24 -8.70
C CYS B 86 -17.54 34.10 -9.74
N LEU B 87 -18.27 35.17 -9.97
CA LEU B 87 -19.42 35.12 -10.87
C LEU B 87 -19.67 36.45 -11.57
N ALA B 88 -20.08 36.36 -12.84
CA ALA B 88 -20.34 37.54 -13.67
C ALA B 88 -21.80 37.54 -14.11
N ARG B 89 -22.40 38.73 -14.20
CA ARG B 89 -23.83 38.82 -14.53
C ARG B 89 -24.20 39.98 -15.45
N ASN B 90 -25.03 39.65 -16.42
CA ASN B 90 -25.76 40.63 -17.21
C ASN B 90 -27.23 40.21 -17.19
N GLN B 91 -28.06 40.88 -17.98
CA GLN B 91 -29.42 40.40 -18.21
C GLN B 91 -29.37 39.03 -18.89
N PHE B 92 -28.20 38.67 -19.42
CA PHE B 92 -27.99 37.38 -20.07
C PHE B 92 -27.84 36.23 -19.09
N GLY B 93 -27.70 36.54 -17.80
CA GLY B 93 -27.56 35.52 -16.78
C GLY B 93 -26.15 35.38 -16.23
N SER B 94 -25.94 34.29 -15.48
CA SER B 94 -24.77 34.14 -14.63
C SER B 94 -23.84 33.00 -15.05
N ILE B 95 -22.58 33.10 -14.64
CA ILE B 95 -21.59 32.05 -14.87
C ILE B 95 -20.64 31.93 -13.68
N ILE B 96 -20.37 30.70 -13.25
CA ILE B 96 -19.60 30.45 -12.04
C ILE B 96 -18.15 30.11 -12.34
N SER B 97 -17.23 30.68 -11.55
CA SER B 97 -15.81 30.37 -11.66
C SER B 97 -15.52 29.01 -11.01
N ARG B 98 -14.50 28.33 -11.49
CA ARG B 98 -14.24 26.97 -11.07
C ARG B 98 -13.68 26.91 -9.65
N ASP B 99 -13.31 25.71 -9.24
CA ASP B 99 -12.94 25.43 -7.86
C ASP B 99 -11.61 26.08 -7.46
N VAL B 100 -11.67 26.95 -6.44
CA VAL B 100 -10.60 27.89 -6.10
C VAL B 100 -9.69 27.50 -4.92
N HIS B 101 -9.78 26.28 -4.37
CA HIS B 101 -9.53 26.07 -2.92
C HIS B 101 -8.35 26.85 -2.38
N VAL B 102 -8.59 27.55 -1.28
CA VAL B 102 -7.60 28.47 -0.71
C VAL B 102 -7.11 27.95 0.64
N ARG B 103 -5.83 28.18 0.91
CA ARG B 103 -5.22 27.81 2.18
C ARG B 103 -4.25 28.89 2.63
N ALA B 104 -3.96 28.90 3.93
CA ALA B 104 -2.95 29.78 4.50
C ALA B 104 -2.16 29.00 5.54
N VAL B 105 -0.87 29.30 5.65
CA VAL B 105 0.03 28.54 6.51
C VAL B 105 0.75 29.41 7.52
N VAL B 106 0.53 29.13 8.79
CA VAL B 106 1.36 29.68 9.86
C VAL B 106 2.58 28.77 10.00
N ILE B 107 3.72 29.37 10.33
CA ILE B 107 4.97 28.62 10.39
C ILE B 107 4.98 27.67 11.59
N GLN B 108 5.17 26.39 11.32
CA GLN B 108 5.22 25.36 12.35
C GLN B 108 6.65 25.03 12.78
N SER B 109 7.62 25.64 12.10
CA SER B 109 9.02 25.30 12.29
C SER B 109 9.19 23.78 12.11
N TYR B 110 8.96 23.31 10.89
CA TYR B 110 8.96 21.89 10.58
C TYR B 110 10.29 21.21 10.91
N GLU B 111 10.20 19.95 11.34
CA GLU B 111 11.37 19.12 11.60
C GLU B 111 11.42 17.97 10.59
N SER B 112 12.62 17.50 10.30
CA SER B 112 12.80 16.39 9.36
C SER B 112 13.79 15.38 9.92
N GLU B 113 13.37 14.12 9.94
CA GLU B 113 14.16 13.04 10.51
C GLU B 113 14.79 12.21 9.38
N ALA B 114 16.11 12.00 9.47
CA ALA B 114 16.81 11.14 8.53
C ALA B 114 16.81 9.72 9.08
N ASP B 115 16.15 8.81 8.37
CA ASP B 115 15.90 7.48 8.90
C ASP B 115 17.05 6.52 8.62
N ASN B 116 17.49 5.82 9.66
CA ASN B 116 18.48 4.76 9.52
C ASN B 116 17.92 3.65 8.64
N GLU B 117 18.76 3.13 7.75
CA GLU B 117 18.36 2.04 6.87
C GLU B 117 19.37 0.90 7.00
N TYR B 118 18.85 -0.31 7.23
CA TYR B 118 19.66 -1.47 7.55
C TYR B 118 19.70 -2.39 6.33
N VAL B 119 20.91 -2.69 5.86
CA VAL B 119 21.08 -3.34 4.56
C VAL B 119 22.15 -4.43 4.56
N ILE B 120 21.91 -5.46 3.76
CA ILE B 120 22.91 -6.49 3.49
C ILE B 120 23.77 -6.06 2.31
N ARG B 121 25.08 -6.18 2.45
CA ARG B 121 25.99 -5.70 1.40
C ARG B 121 25.69 -6.35 0.06
N GLY B 122 25.75 -5.53 -1.00
CA GLY B 122 25.47 -5.98 -2.35
C GLY B 122 24.10 -5.52 -2.82
N ASN B 123 23.24 -5.15 -1.87
CA ASN B 123 21.87 -4.74 -2.18
C ASN B 123 21.72 -3.23 -2.26
N SER B 124 21.14 -2.76 -3.36
CA SER B 124 20.85 -1.34 -3.54
C SER B 124 19.75 -0.91 -2.58
N VAL B 125 19.95 0.24 -1.94
CA VAL B 125 19.02 0.73 -0.93
C VAL B 125 18.57 2.16 -1.20
N VAL B 126 17.35 2.47 -0.77
CA VAL B 126 16.81 3.82 -0.88
C VAL B 126 16.71 4.47 0.50
N MET B 127 17.25 5.67 0.61
CA MET B 127 17.18 6.44 1.86
C MET B 127 16.08 7.48 1.79
N LYS B 128 15.23 7.50 2.82
CA LYS B 128 14.16 8.49 2.92
C LYS B 128 14.34 9.36 4.16
N CYS B 129 14.43 10.67 3.95
CA CYS B 129 14.32 11.62 5.03
C CYS B 129 12.85 11.97 5.16
N GLU B 130 12.26 11.62 6.30
CA GLU B 130 10.81 11.66 6.44
C GLU B 130 10.31 13.02 6.95
N ILE B 131 9.57 13.71 6.09
CA ILE B 131 8.94 14.97 6.44
C ILE B 131 7.52 14.66 6.95
N PRO B 132 7.06 15.37 8.00
CA PRO B 132 5.71 15.12 8.52
C PRO B 132 4.63 15.25 7.46
N SER B 133 3.56 14.48 7.60
CA SER B 133 2.53 14.37 6.57
C SER B 133 1.82 15.68 6.28
N TYR B 134 1.67 16.54 7.29
CA TYR B 134 0.90 17.76 7.13
C TYR B 134 1.68 18.86 6.42
N VAL B 135 2.96 18.97 6.74
CA VAL B 135 3.83 19.97 6.11
C VAL B 135 4.33 19.48 4.75
N ALA B 136 4.21 18.17 4.52
CA ALA B 136 4.70 17.56 3.28
C ALA B 136 4.01 18.10 2.03
N ASP B 137 2.89 18.80 2.23
CA ASP B 137 2.16 19.40 1.12
C ASP B 137 2.98 20.49 0.43
N PHE B 138 4.08 20.91 1.07
CA PHE B 138 4.89 22.02 0.59
C PHE B 138 6.37 21.66 0.51
N VAL B 139 6.97 21.38 1.67
CA VAL B 139 8.40 21.12 1.79
C VAL B 139 8.87 19.99 0.88
N PHE B 140 10.06 20.17 0.31
CA PHE B 140 10.73 19.12 -0.46
C PHE B 140 12.22 19.12 -0.18
N VAL B 141 12.90 18.07 -0.62
CA VAL B 141 14.34 17.93 -0.41
C VAL B 141 15.12 18.39 -1.62
N ASP B 142 15.86 19.50 -1.46
CA ASP B 142 16.65 20.06 -2.55
C ASP B 142 17.99 19.34 -2.71
N LEU B 143 18.61 18.98 -1.59
CA LEU B 143 19.93 18.35 -1.61
C LEU B 143 20.14 17.40 -0.45
N TRP B 144 21.07 16.46 -0.65
CA TRP B 144 21.47 15.50 0.37
C TRP B 144 22.95 15.72 0.70
N LEU B 145 23.34 15.38 1.92
CA LEU B 145 24.73 15.59 2.34
C LEU B 145 25.20 14.49 3.29
N ASP B 146 26.51 14.25 3.29
CA ASP B 146 27.13 13.25 4.15
C ASP B 146 28.25 13.88 4.98
N SER B 147 28.95 13.03 5.74
CA SER B 147 30.02 13.49 6.64
C SER B 147 31.22 14.05 5.89
N GLU B 148 31.38 13.66 4.63
CA GLU B 148 32.56 14.04 3.84
C GLU B 148 32.37 15.39 3.16
N GLY B 149 31.14 15.89 3.14
CA GLY B 149 30.84 17.16 2.51
C GLY B 149 30.39 17.02 1.06
N ARG B 150 29.93 15.82 0.69
CA ARG B 150 29.52 15.55 -0.68
C ARG B 150 28.13 16.09 -0.98
N ASN B 151 28.06 17.01 -1.93
CA ASN B 151 26.80 17.63 -2.31
C ASN B 151 26.13 16.88 -3.44
N TYR B 152 24.96 16.31 -3.18
CA TYR B 152 24.20 15.64 -4.23
C TYR B 152 23.20 16.62 -4.82
N TYR B 153 22.54 16.23 -5.90
CA TYR B 153 21.68 17.15 -6.64
C TYR B 153 20.53 16.41 -7.33
N PRO B 154 19.43 17.12 -7.65
CA PRO B 154 18.18 16.51 -8.11
C PRO B 154 18.29 15.51 -9.26
N ASN B 155 19.06 15.82 -10.30
CA ASN B 155 19.16 14.95 -11.47
C ASN B 155 17.77 14.61 -12.04
N ASN B 156 16.88 15.60 -12.02
CA ASN B 156 15.51 15.40 -12.47
C ASN B 156 14.83 14.26 -11.72
N ASP B 161 29.28 7.99 -10.42
CA ASP B 161 28.40 9.06 -10.92
C ASP B 161 26.99 8.53 -11.14
N GLY B 162 26.89 7.38 -11.78
CA GLY B 162 25.61 6.73 -12.00
C GLY B 162 25.24 5.82 -10.83
N LYS B 163 25.99 5.96 -9.74
CA LYS B 163 25.77 5.18 -8.53
C LYS B 163 24.88 5.95 -7.55
N TYR B 164 25.40 7.08 -7.06
CA TYR B 164 24.63 7.95 -6.19
C TYR B 164 23.68 8.80 -7.02
N LEU B 165 22.39 8.68 -6.73
CA LEU B 165 21.37 9.42 -7.46
C LEU B 165 20.23 9.84 -6.56
N VAL B 166 19.80 11.09 -6.70
CA VAL B 166 18.60 11.58 -6.05
C VAL B 166 17.50 11.61 -7.11
N LEU B 167 16.26 11.33 -6.71
CA LEU B 167 15.16 11.17 -7.65
C LEU B 167 14.31 12.43 -7.72
N PRO B 168 13.33 12.47 -8.65
CA PRO B 168 12.44 13.63 -8.70
C PRO B 168 11.52 13.74 -7.49
N SER B 169 11.29 12.63 -6.81
CA SER B 169 10.46 12.62 -5.60
C SER B 169 11.30 12.95 -4.36
N GLY B 170 12.63 13.01 -4.55
CA GLY B 170 13.51 13.59 -3.56
C GLY B 170 14.39 12.63 -2.76
N GLU B 171 14.07 11.33 -2.78
CA GLU B 171 14.86 10.37 -2.01
C GLU B 171 16.19 10.08 -2.68
N LEU B 172 17.15 9.59 -1.89
CA LEU B 172 18.49 9.28 -2.37
C LEU B 172 18.65 7.78 -2.62
N HIS B 173 19.11 7.42 -3.82
CA HIS B 173 19.30 6.03 -4.19
C HIS B 173 20.78 5.66 -4.24
N ILE B 174 21.11 4.50 -3.69
CA ILE B 174 22.45 3.95 -3.75
C ILE B 174 22.41 2.54 -4.33
N ARG B 175 23.37 2.22 -5.20
CA ARG B 175 23.48 0.88 -5.76
C ARG B 175 24.80 0.26 -5.35
N GLU B 176 24.86 -1.07 -5.34
CA GLU B 176 26.06 -1.80 -4.97
C GLU B 176 26.61 -1.27 -3.64
N VAL B 177 25.78 -1.28 -2.61
CA VAL B 177 26.16 -0.73 -1.32
C VAL B 177 27.43 -1.43 -0.84
N GLY B 178 28.48 -0.65 -0.61
CA GLY B 178 29.75 -1.17 -0.14
C GLY B 178 30.01 -0.77 1.31
N PRO B 179 31.12 -1.25 1.88
CA PRO B 179 31.54 -0.89 3.24
C PRO B 179 31.94 0.58 3.33
N GLU B 180 32.28 1.16 2.17
CA GLU B 180 32.67 2.56 2.09
C GLU B 180 31.48 3.48 2.36
N ASP B 181 30.29 3.01 2.01
CA ASP B 181 29.07 3.80 2.13
C ASP B 181 28.50 3.83 3.55
N GLY B 182 28.57 2.70 4.24
CA GLY B 182 27.82 2.49 5.47
C GLY B 182 28.29 3.26 6.70
N TYR B 183 29.61 3.39 6.85
CA TYR B 183 30.17 3.95 8.08
C TYR B 183 30.25 5.47 8.02
N LYS B 184 29.71 6.03 6.94
CA LYS B 184 29.45 7.47 6.88
C LYS B 184 28.22 7.79 7.72
N SER B 185 27.76 9.03 7.60
CA SER B 185 26.47 9.43 8.15
C SER B 185 25.81 10.37 7.15
N TYR B 186 24.48 10.29 7.04
CA TYR B 186 23.75 11.05 6.04
C TYR B 186 22.70 11.96 6.69
N GLN B 187 22.50 13.12 6.09
CA GLN B 187 21.45 14.03 6.51
C GLN B 187 20.98 14.84 5.31
N CYS B 188 19.71 15.22 5.30
CA CYS B 188 19.11 15.89 4.16
C CYS B 188 18.71 17.33 4.47
N ARG B 189 18.74 18.17 3.44
CA ARG B 189 18.33 19.57 3.57
C ARG B 189 16.96 19.76 2.92
N THR B 190 16.05 20.38 3.66
CA THR B 190 14.68 20.58 3.19
C THR B 190 14.35 22.07 3.02
N LYS B 191 13.70 22.39 1.91
CA LYS B 191 13.25 23.76 1.67
C LYS B 191 11.73 23.83 1.56
N HIS B 192 11.17 24.91 2.08
CA HIS B 192 9.74 25.14 2.07
C HIS B 192 9.34 25.94 0.83
N ARG B 193 8.26 25.55 0.19
CA ARG B 193 7.89 26.12 -1.11
C ARG B 193 7.05 27.40 -1.03
N LEU B 194 6.48 27.67 0.15
CA LEU B 194 5.67 28.88 0.34
C LEU B 194 6.47 30.03 0.96
N THR B 195 7.72 29.75 1.32
CA THR B 195 8.57 30.74 1.99
C THR B 195 9.92 30.84 1.29
N GLY B 196 10.63 29.72 1.26
CA GLY B 196 12.01 29.69 0.81
C GLY B 196 12.97 29.44 1.96
N GLU B 197 12.43 29.20 3.15
CA GLU B 197 13.24 28.88 4.32
C GLU B 197 13.75 27.45 4.21
N THR B 198 15.07 27.29 4.20
CA THR B 198 15.69 25.97 4.16
C THR B 198 15.96 25.48 5.57
N ARG B 199 16.50 24.27 5.67
CA ARG B 199 16.87 23.70 6.95
C ARG B 199 17.55 22.35 6.75
N LEU B 200 18.26 21.90 7.77
CA LEU B 200 19.01 20.66 7.72
C LEU B 200 18.34 19.60 8.58
N SER B 201 18.50 18.34 8.18
CA SER B 201 17.90 17.22 8.91
C SER B 201 18.30 17.26 10.38
N ALA B 202 17.29 17.13 11.24
CA ALA B 202 17.49 17.14 12.68
C ALA B 202 18.44 16.03 13.09
N THR B 203 18.14 14.82 12.64
CA THR B 203 18.95 13.65 12.95
C THR B 203 19.87 13.29 11.79
N LYS B 204 20.68 12.26 11.99
CA LYS B 204 21.65 11.82 10.97
C LYS B 204 21.44 10.35 10.65
N GLY B 205 21.12 10.06 9.40
CA GLY B 205 20.87 8.70 8.97
C GLY B 205 22.13 7.85 8.99
N ARG B 206 22.05 6.72 9.68
CA ARG B 206 23.14 5.75 9.73
C ARG B 206 22.80 4.56 8.84
N LEU B 207 23.76 4.13 8.03
CA LEU B 207 23.59 2.94 7.21
C LEU B 207 24.31 1.76 7.85
N VAL B 208 23.51 0.82 8.35
CA VAL B 208 24.05 -0.38 8.96
C VAL B 208 24.27 -1.44 7.88
N ILE B 209 25.52 -1.84 7.70
CA ILE B 209 25.87 -2.86 6.74
C ILE B 209 26.06 -4.19 7.44
N THR B 210 25.17 -5.12 7.15
CA THR B 210 25.21 -6.44 7.77
C THR B 210 25.89 -7.45 6.86
N GLU B 211 26.65 -8.35 7.48
CA GLU B 211 27.43 -9.32 6.74
C GLU B 211 26.54 -10.44 6.20
N PRO B 212 26.39 -10.55 4.86
CA PRO B 212 25.63 -11.71 4.37
C PRO B 212 26.34 -13.02 4.71
N VAL B 213 25.61 -13.94 5.32
CA VAL B 213 26.13 -15.26 5.65
C VAL B 213 25.22 -16.33 5.08
N GLY B 214 24.07 -16.51 5.73
CA GLY B 214 23.08 -17.45 5.26
C GLY B 214 22.32 -16.82 4.11
N SER B 215 21.90 -17.65 3.17
CA SER B 215 21.18 -17.16 2.00
C SER B 215 19.75 -16.81 2.38
N LYS B 216 19.32 -15.62 1.99
CA LYS B 216 18.01 -15.10 2.38
C LYS B 216 17.13 -14.88 1.17
N ALA B 217 15.87 -15.32 1.27
CA ALA B 217 14.91 -15.09 0.21
C ALA B 217 14.56 -13.59 0.17
N PRO B 218 14.20 -13.07 -1.02
CA PRO B 218 13.87 -11.65 -1.15
C PRO B 218 12.72 -11.21 -0.26
N THR B 219 12.93 -10.13 0.48
CA THR B 219 11.93 -9.56 1.36
C THR B 219 11.80 -8.07 1.11
N PHE B 220 10.59 -7.55 1.25
CA PHE B 220 10.34 -6.13 1.05
C PHE B 220 10.32 -5.38 2.38
N ALA B 221 10.14 -4.06 2.29
CA ALA B 221 10.10 -3.21 3.46
C ALA B 221 8.83 -3.49 4.27
N THR B 222 7.72 -3.62 3.54
CA THR B 222 6.42 -3.87 4.16
C THR B 222 5.76 -5.12 3.59
N ALA B 223 4.77 -5.62 4.31
CA ALA B 223 4.06 -6.84 3.93
C ALA B 223 3.05 -6.56 2.82
N SER B 224 2.74 -5.27 2.61
CA SER B 224 1.74 -4.88 1.62
C SER B 224 2.18 -5.27 0.21
N LYS B 225 1.28 -5.92 -0.52
CA LYS B 225 1.56 -6.38 -1.88
C LYS B 225 1.13 -5.36 -2.93
N ILE B 226 0.66 -4.20 -2.47
CA ILE B 226 0.18 -3.18 -3.40
C ILE B 226 0.38 -1.77 -2.89
N SER B 227 0.49 -0.85 -3.84
CA SER B 227 0.62 0.57 -3.55
C SER B 227 -0.03 1.36 -4.68
N SER B 228 -0.33 2.63 -4.42
CA SER B 228 -0.87 3.51 -5.45
C SER B 228 -0.04 4.78 -5.54
N LEU B 229 0.00 5.35 -6.74
CA LEU B 229 0.84 6.49 -7.01
C LEU B 229 0.28 7.29 -8.17
N LEU B 230 0.62 8.57 -8.25
CA LEU B 230 0.21 9.39 -9.37
C LEU B 230 1.08 10.63 -9.51
N GLY B 231 1.03 11.25 -10.68
CA GLY B 231 1.76 12.48 -10.94
C GLY B 231 1.22 13.21 -12.15
N SER B 232 1.76 14.40 -12.41
CA SER B 232 1.37 15.16 -13.59
C SER B 232 1.97 14.55 -14.85
N SER B 233 1.38 14.87 -16.00
CA SER B 233 1.83 14.34 -17.28
C SER B 233 3.31 14.61 -17.53
N SER B 234 3.71 15.85 -17.31
CA SER B 234 5.05 16.29 -17.69
C SER B 234 6.11 15.95 -16.63
N SER B 235 5.67 15.36 -15.52
CA SER B 235 6.58 15.01 -14.43
C SER B 235 7.37 13.73 -14.69
N ASP B 236 8.55 13.65 -14.10
CA ASP B 236 9.33 12.41 -14.09
C ASP B 236 8.92 11.59 -12.87
N ILE B 237 8.37 10.40 -13.13
CA ILE B 237 7.76 9.61 -12.06
C ILE B 237 8.64 8.43 -11.66
N VAL B 238 8.64 8.16 -10.36
CA VAL B 238 9.41 7.06 -9.79
C VAL B 238 8.47 5.95 -9.34
N LEU B 239 8.94 4.71 -9.45
CA LEU B 239 8.25 3.57 -8.88
C LEU B 239 9.24 2.78 -8.02
N LEU B 240 8.99 2.78 -6.72
CA LEU B 240 9.90 2.17 -5.77
C LEU B 240 9.79 0.65 -5.78
N CYS B 241 10.93 -0.01 -5.73
CA CYS B 241 10.99 -1.41 -5.34
C CYS B 241 12.08 -1.55 -4.30
N GLN B 242 11.67 -1.86 -3.07
CA GLN B 242 12.61 -2.05 -1.97
C GLN B 242 12.68 -3.53 -1.65
N ALA B 243 13.79 -4.15 -2.01
CA ALA B 243 13.94 -5.60 -1.85
C ALA B 243 15.38 -5.95 -1.49
N GLN B 244 15.52 -6.87 -0.54
CA GLN B 244 16.83 -7.30 -0.08
C GLN B 244 16.92 -8.82 -0.05
N ALA B 245 17.88 -9.35 -0.81
CA ALA B 245 18.08 -10.79 -0.89
C ALA B 245 19.56 -11.14 -0.94
N PHE B 246 19.89 -12.31 -0.43
CA PHE B 246 21.23 -12.89 -0.53
C PHE B 246 21.13 -14.32 -1.06
N PRO B 247 21.38 -14.52 -2.37
CA PRO B 247 21.99 -13.61 -3.35
C PRO B 247 21.19 -12.36 -3.69
N VAL B 248 21.90 -11.32 -4.11
CA VAL B 248 21.26 -10.08 -4.55
C VAL B 248 20.39 -10.39 -5.76
N PRO B 249 19.11 -10.01 -5.70
CA PRO B 249 18.18 -10.48 -6.73
C PRO B 249 18.22 -9.63 -7.99
N TYR B 250 17.33 -9.92 -8.92
CA TYR B 250 17.18 -9.10 -10.13
C TYR B 250 15.72 -8.69 -10.25
N THR B 251 15.51 -7.40 -10.48
CA THR B 251 14.17 -6.83 -10.52
C THR B 251 13.72 -6.64 -11.96
N ARG B 252 12.58 -7.24 -12.30
CA ARG B 252 12.01 -7.11 -13.63
C ARG B 252 10.59 -6.56 -13.54
N TRP B 253 10.42 -5.35 -14.08
CA TRP B 253 9.13 -4.65 -14.02
C TRP B 253 8.26 -4.97 -15.22
N TYR B 254 7.06 -5.47 -14.95
CA TYR B 254 6.07 -5.73 -16.00
C TYR B 254 4.96 -4.68 -15.96
N LYS B 255 4.00 -4.84 -16.85
CA LYS B 255 2.81 -4.01 -16.84
C LYS B 255 1.60 -4.83 -17.28
N PHE B 256 0.48 -4.63 -16.59
CA PHE B 256 -0.74 -5.36 -16.89
C PHE B 256 -1.51 -4.72 -18.03
N ILE B 257 -2.62 -5.36 -18.40
CA ILE B 257 -3.60 -4.78 -19.30
C ILE B 257 -4.88 -4.62 -18.49
N GLU B 258 -5.69 -3.63 -18.85
CA GLU B 258 -6.81 -3.21 -18.00
C GLU B 258 -7.77 -4.35 -17.69
N GLY B 259 -7.99 -4.59 -16.40
CA GLY B 259 -8.95 -5.57 -15.93
C GLY B 259 -8.70 -7.00 -16.42
N THR B 260 -7.45 -7.30 -16.74
CA THR B 260 -7.09 -8.64 -17.21
C THR B 260 -5.87 -9.18 -16.49
N THR B 261 -5.69 -10.50 -16.55
CA THR B 261 -4.54 -11.17 -15.95
C THR B 261 -3.36 -11.20 -16.91
N ARG B 262 -3.56 -10.64 -18.11
CA ARG B 262 -2.52 -10.63 -19.13
C ARG B 262 -1.37 -9.72 -18.68
N LYS B 263 -0.17 -10.00 -19.17
CA LYS B 263 1.03 -9.32 -18.69
C LYS B 263 2.09 -9.18 -19.77
N GLN B 264 2.84 -8.10 -19.72
CA GLN B 264 3.97 -7.89 -20.62
C GLN B 264 5.09 -7.14 -19.90
N ALA B 265 6.34 -7.48 -20.22
CA ALA B 265 7.48 -6.76 -19.66
C ALA B 265 7.56 -5.40 -20.33
N VAL B 266 8.48 -4.54 -19.90
CA VAL B 266 8.51 -3.19 -20.43
C VAL B 266 9.85 -2.68 -20.94
N VAL B 267 9.99 -2.66 -22.26
CA VAL B 267 10.43 -1.50 -23.03
C VAL B 267 11.40 -0.56 -22.31
N LEU B 268 12.63 -1.00 -22.04
CA LEU B 268 13.62 -0.09 -21.47
C LEU B 268 14.25 0.75 -22.58
N ASN B 269 14.10 2.06 -22.45
CA ASN B 269 14.59 3.00 -23.47
C ASN B 269 14.87 4.37 -22.85
N ASP B 270 15.07 5.38 -23.70
CA ASP B 270 15.46 6.71 -23.24
C ASP B 270 14.49 7.29 -22.20
N ARG B 271 13.20 7.23 -22.49
CA ARG B 271 12.19 7.79 -21.58
C ARG B 271 11.98 6.89 -20.36
N VAL B 272 11.75 5.61 -20.60
CA VAL B 272 11.54 4.65 -19.51
C VAL B 272 12.85 3.97 -19.17
N LYS B 273 13.42 4.35 -18.02
CA LYS B 273 14.70 3.83 -17.58
C LYS B 273 14.54 2.87 -16.42
N GLN B 274 15.65 2.31 -15.96
CA GLN B 274 15.65 1.51 -14.74
C GLN B 274 16.99 1.57 -14.03
N VAL B 275 16.94 1.61 -12.72
CA VAL B 275 18.14 1.56 -11.88
C VAL B 275 17.87 0.60 -10.72
N SER B 276 18.68 -0.45 -10.63
CA SER B 276 18.50 -1.47 -9.60
C SER B 276 17.07 -2.02 -9.69
N GLY B 277 16.29 -1.87 -8.62
CA GLY B 277 14.90 -2.31 -8.62
C GLY B 277 13.96 -1.16 -8.95
N THR B 278 14.52 0.02 -9.14
CA THR B 278 13.72 1.22 -9.33
C THR B 278 13.38 1.47 -10.80
N LEU B 279 12.09 1.51 -11.10
CA LEU B 279 11.61 1.84 -12.43
C LEU B 279 11.31 3.34 -12.49
N ILE B 280 12.01 4.05 -13.37
CA ILE B 280 11.83 5.49 -13.50
C ILE B 280 11.21 5.83 -14.85
N ILE B 281 10.23 6.71 -14.82
CA ILE B 281 9.59 7.24 -16.02
C ILE B 281 9.92 8.73 -16.12
N LYS B 282 10.46 9.14 -17.26
CA LYS B 282 10.80 10.53 -17.52
C LYS B 282 9.52 11.27 -17.90
N ASP B 283 9.64 12.47 -18.46
CA ASP B 283 8.46 13.28 -18.75
C ASP B 283 7.47 12.40 -19.51
N ALA B 284 6.28 12.28 -18.93
CA ALA B 284 5.37 11.17 -19.24
C ALA B 284 4.17 11.58 -20.06
N VAL B 285 3.29 10.62 -20.28
CA VAL B 285 2.01 10.84 -20.94
C VAL B 285 0.93 10.10 -20.18
N VAL B 286 -0.32 10.46 -20.43
CA VAL B 286 -1.45 9.79 -19.80
C VAL B 286 -1.52 8.33 -20.27
N GLU B 287 -0.87 8.05 -21.40
CA GLU B 287 -0.85 6.70 -21.96
C GLU B 287 0.01 5.75 -21.11
N ASP B 288 0.81 6.31 -20.22
CA ASP B 288 1.63 5.51 -19.31
C ASP B 288 0.82 5.07 -18.10
N SER B 289 -0.33 5.72 -17.89
CA SER B 289 -1.22 5.36 -16.78
C SER B 289 -1.60 3.90 -16.84
N GLY B 290 -1.53 3.22 -15.70
CA GLY B 290 -1.89 1.83 -15.64
C GLY B 290 -1.49 1.12 -14.37
N LYS B 291 -1.45 -0.21 -14.47
CA LYS B 291 -1.18 -1.08 -13.33
C LYS B 291 0.07 -1.92 -13.61
N TYR B 292 1.14 -1.66 -12.87
CA TYR B 292 2.41 -2.33 -13.11
C TYR B 292 2.64 -3.45 -12.10
N LEU B 293 3.75 -4.16 -12.29
CA LEU B 293 4.12 -5.26 -11.41
C LEU B 293 5.63 -5.34 -11.24
N CYS B 294 6.06 -5.54 -10.01
CA CYS B 294 7.48 -5.65 -9.69
C CYS B 294 7.79 -7.04 -9.13
N VAL B 295 8.52 -7.83 -9.91
CA VAL B 295 8.91 -9.17 -9.50
C VAL B 295 10.40 -9.19 -9.17
N VAL B 296 10.72 -9.68 -7.98
CA VAL B 296 12.09 -9.82 -7.53
C VAL B 296 12.40 -11.30 -7.40
N ASN B 297 13.61 -11.68 -7.81
CA ASN B 297 13.97 -13.09 -7.89
C ASN B 297 15.44 -13.37 -7.60
N ASN B 298 15.68 -14.49 -6.93
CA ASN B 298 17.03 -14.99 -6.71
C ASN B 298 17.00 -16.52 -6.70
N SER B 299 18.10 -17.12 -6.28
CA SER B 299 18.23 -18.57 -6.31
C SER B 299 17.30 -19.25 -5.29
N VAL B 300 17.29 -18.70 -4.08
CA VAL B 300 16.58 -19.31 -2.97
C VAL B 300 15.05 -19.21 -3.11
N GLY B 301 14.59 -18.22 -3.87
CA GLY B 301 13.22 -17.77 -3.72
C GLY B 301 12.93 -16.49 -4.49
N GLY B 302 12.04 -15.70 -3.92
CA GLY B 302 11.62 -14.43 -4.48
C GLY B 302 10.17 -14.39 -4.89
N GLU B 303 9.64 -13.17 -4.88
CA GLU B 303 8.21 -12.92 -4.90
C GLU B 303 7.93 -11.63 -5.66
N SER B 304 6.71 -11.14 -5.57
CA SER B 304 6.28 -10.01 -6.39
C SER B 304 5.45 -8.98 -5.62
N VAL B 305 5.44 -7.77 -6.15
CA VAL B 305 4.61 -6.69 -5.64
C VAL B 305 4.15 -5.84 -6.81
N GLU B 306 2.89 -5.41 -6.78
CA GLU B 306 2.33 -4.63 -7.88
C GLU B 306 2.09 -3.18 -7.43
N THR B 307 2.15 -2.26 -8.38
CA THR B 307 2.04 -0.83 -8.08
C THR B 307 1.12 -0.15 -9.08
N VAL B 308 0.05 0.46 -8.56
CA VAL B 308 -0.89 1.19 -9.40
C VAL B 308 -0.34 2.57 -9.67
N LEU B 309 -0.57 3.07 -10.89
CA LEU B 309 -0.09 4.39 -11.28
C LEU B 309 -1.13 5.15 -12.08
N THR B 310 -1.12 6.47 -11.92
CA THR B 310 -2.02 7.35 -12.65
C THR B 310 -1.25 8.58 -13.11
N VAL B 311 -1.65 9.13 -14.25
CA VAL B 311 -1.07 10.36 -14.77
C VAL B 311 -2.17 11.40 -14.92
N THR B 312 -1.86 12.64 -14.57
CA THR B 312 -2.88 13.69 -14.54
C THR B 312 -2.56 14.81 -15.52
N ALA B 313 -3.38 14.92 -16.56
CA ALA B 313 -3.34 16.04 -17.48
C ALA B 313 -4.27 17.14 -16.98
N PRO B 314 -3.99 18.40 -17.35
CA PRO B 314 -4.80 19.52 -16.86
C PRO B 314 -6.25 19.49 -17.36
N LEU B 315 -7.18 19.81 -16.48
CA LEU B 315 -8.60 19.87 -16.84
C LEU B 315 -8.91 21.17 -17.59
N SER B 316 -9.49 21.03 -18.77
CA SER B 316 -9.97 22.18 -19.52
C SER B 316 -11.03 21.71 -20.51
N ALA B 317 -11.82 22.64 -21.02
CA ALA B 317 -12.95 22.31 -21.88
C ALA B 317 -13.63 23.55 -22.44
N LYS B 318 -14.48 23.32 -23.44
CA LYS B 318 -15.28 24.38 -24.03
C LYS B 318 -16.57 23.80 -24.61
N ILE B 319 -17.55 24.65 -24.87
CA ILE B 319 -18.84 24.22 -25.38
C ILE B 319 -19.01 24.63 -26.84
N ASP B 320 -19.54 23.70 -27.64
CA ASP B 320 -19.79 23.94 -29.06
C ASP B 320 -21.31 24.00 -29.35
N PRO B 321 -21.80 25.12 -29.91
CA PRO B 321 -21.11 26.38 -30.21
C PRO B 321 -20.95 27.26 -28.96
N PRO B 322 -19.98 28.18 -28.96
CA PRO B 322 -19.87 29.14 -27.86
C PRO B 322 -21.16 29.95 -27.67
N THR B 323 -21.88 30.20 -28.77
CA THR B 323 -23.18 30.86 -28.68
C THR B 323 -24.04 30.54 -29.90
N GLN B 324 -25.36 30.63 -29.74
CA GLN B 324 -26.29 30.41 -30.84
C GLN B 324 -27.65 31.05 -30.57
N THR B 325 -28.45 31.17 -31.62
CA THR B 325 -29.82 31.69 -31.52
C THR B 325 -30.79 30.70 -32.16
N VAL B 326 -32.00 30.61 -31.61
CA VAL B 326 -32.96 29.58 -32.03
C VAL B 326 -34.40 30.10 -32.04
N ASP B 327 -35.26 29.37 -32.75
CA ASP B 327 -36.56 29.83 -33.25
C ASP B 327 -37.79 29.63 -32.35
N PHE B 328 -37.59 29.38 -31.04
CA PHE B 328 -38.71 29.08 -30.13
C PHE B 328 -39.41 27.76 -30.41
N GLY B 329 -38.77 26.67 -29.96
CA GLY B 329 -39.28 25.32 -30.14
C GLY B 329 -38.41 24.51 -31.06
N ARG B 330 -37.43 25.16 -31.66
CA ARG B 330 -36.45 24.52 -32.51
C ARG B 330 -35.30 23.95 -31.67
N PRO B 331 -34.66 22.85 -32.13
CA PRO B 331 -33.56 22.24 -31.37
C PRO B 331 -32.38 23.17 -31.07
N ALA B 332 -31.83 23.02 -29.87
CA ALA B 332 -30.59 23.66 -29.47
C ALA B 332 -29.78 22.65 -28.66
N VAL B 333 -28.49 22.53 -28.97
CA VAL B 333 -27.66 21.51 -28.35
C VAL B 333 -26.28 22.05 -27.97
N PHE B 334 -25.73 21.50 -26.89
CA PHE B 334 -24.40 21.85 -26.42
C PHE B 334 -23.63 20.60 -26.01
N THR B 335 -22.45 20.43 -26.61
CA THR B 335 -21.58 19.30 -26.28
C THR B 335 -20.31 19.82 -25.60
N CYS B 336 -19.90 19.13 -24.53
CA CYS B 336 -18.72 19.53 -23.78
C CYS B 336 -17.51 18.74 -24.24
N GLN B 337 -16.57 19.42 -24.87
CA GLN B 337 -15.32 18.78 -25.28
C GLN B 337 -14.36 18.83 -24.11
N TYR B 338 -13.97 17.66 -23.60
CA TYR B 338 -13.21 17.56 -22.37
C TYR B 338 -11.84 16.94 -22.56
N THR B 339 -10.91 17.34 -21.70
CA THR B 339 -9.58 16.78 -21.66
C THR B 339 -9.13 16.69 -20.21
N GLY B 340 -7.86 16.37 -20.00
CA GLY B 340 -7.34 16.22 -18.65
C GLY B 340 -7.58 14.81 -18.16
N ASN B 341 -6.83 14.40 -17.14
CA ASN B 341 -6.97 13.07 -16.58
C ASN B 341 -6.81 13.10 -15.05
N PRO B 342 -7.59 12.30 -14.31
CA PRO B 342 -8.75 11.55 -14.81
C PRO B 342 -9.91 12.50 -15.07
N ILE B 343 -11.02 11.98 -15.59
CA ILE B 343 -12.24 12.76 -15.71
C ILE B 343 -13.33 12.04 -14.94
N LYS B 344 -13.75 12.65 -13.84
CA LYS B 344 -14.66 12.02 -12.90
C LYS B 344 -16.11 12.23 -13.33
N THR B 345 -16.58 13.46 -13.19
CA THR B 345 -17.97 13.79 -13.54
C THR B 345 -18.10 15.15 -14.19
N VAL B 346 -18.79 15.18 -15.32
CA VAL B 346 -19.24 16.43 -15.93
C VAL B 346 -20.56 16.83 -15.26
N SER B 347 -20.78 18.13 -15.13
CA SER B 347 -22.03 18.63 -14.54
C SER B 347 -22.50 19.89 -15.23
N TRP B 348 -23.81 19.99 -15.44
CA TRP B 348 -24.43 21.13 -16.09
C TRP B 348 -25.13 22.01 -15.06
N MET B 349 -25.14 23.31 -15.32
CA MET B 349 -25.87 24.25 -14.47
C MET B 349 -26.39 25.41 -15.29
N LYS B 350 -27.62 25.85 -14.97
CA LYS B 350 -28.24 26.97 -15.64
C LYS B 350 -28.12 28.23 -14.78
N ASP B 351 -27.30 29.17 -15.24
CA ASP B 351 -27.06 30.42 -14.53
C ASP B 351 -26.61 30.18 -13.09
N GLY B 352 -25.90 29.07 -12.89
CA GLY B 352 -25.37 28.72 -11.58
C GLY B 352 -26.29 27.80 -10.81
N LYS B 353 -27.57 27.80 -11.18
CA LYS B 353 -28.53 26.86 -10.61
C LYS B 353 -28.10 25.45 -11.00
N ALA B 354 -28.19 24.51 -10.06
CA ALA B 354 -27.71 23.16 -10.31
C ALA B 354 -28.82 22.31 -10.89
N ILE B 355 -28.66 21.94 -12.16
CA ILE B 355 -29.61 21.08 -12.85
C ILE B 355 -28.82 19.93 -13.47
N GLY B 356 -29.08 18.72 -12.95
CA GLY B 356 -28.25 17.58 -13.28
C GLY B 356 -28.41 16.98 -14.65
N HIS B 357 -27.28 16.78 -15.33
CA HIS B 357 -27.19 15.78 -16.38
C HIS B 357 -25.75 15.29 -16.43
N SER B 358 -25.58 13.98 -16.63
CA SER B 358 -24.27 13.35 -16.60
C SER B 358 -23.68 13.18 -18.00
N GLU B 359 -24.44 13.57 -19.02
CA GLU B 359 -24.04 13.36 -20.40
C GLU B 359 -23.18 14.52 -20.91
N PRO B 360 -22.12 14.22 -21.67
CA PRO B 360 -21.32 15.31 -22.25
C PRO B 360 -22.11 16.11 -23.27
N VAL B 361 -23.12 15.48 -23.87
CA VAL B 361 -23.97 16.12 -24.86
C VAL B 361 -25.39 16.27 -24.32
N LEU B 362 -25.80 17.51 -24.07
CA LEU B 362 -27.15 17.81 -23.60
C LEU B 362 -27.89 18.65 -24.62
N ARG B 363 -29.14 18.29 -24.86
CA ARG B 363 -29.96 18.90 -25.91
C ARG B 363 -31.32 19.33 -25.39
N ILE B 364 -31.86 20.39 -25.97
CA ILE B 364 -33.25 20.77 -25.73
C ILE B 364 -33.97 20.97 -27.06
N GLU B 365 -34.90 20.07 -27.37
CA GLU B 365 -35.67 20.14 -28.61
C GLU B 365 -36.97 20.90 -28.40
N SER B 366 -37.30 21.18 -27.15
CA SER B 366 -38.48 21.98 -26.80
C SER B 366 -38.03 23.10 -25.88
N VAL B 367 -38.13 24.33 -26.37
CA VAL B 367 -37.66 25.50 -25.63
C VAL B 367 -38.85 26.18 -24.97
N LYS B 368 -38.66 26.56 -23.70
CA LYS B 368 -39.66 27.33 -22.98
C LYS B 368 -39.36 28.81 -23.14
N LYS B 369 -40.17 29.65 -22.52
CA LYS B 369 -39.98 31.09 -22.56
C LYS B 369 -38.87 31.53 -21.60
N GLU B 370 -38.69 30.73 -20.56
CA GLU B 370 -37.80 31.09 -19.45
C GLU B 370 -36.39 30.49 -19.57
N ASP B 371 -36.11 29.82 -20.68
CA ASP B 371 -34.81 29.19 -20.88
C ASP B 371 -33.78 30.19 -21.44
N LYS B 372 -34.21 31.44 -21.63
CA LYS B 372 -33.30 32.48 -22.09
C LYS B 372 -32.30 32.79 -20.99
N GLY B 373 -31.01 32.67 -21.31
CA GLY B 373 -29.96 32.98 -20.36
C GLY B 373 -28.69 32.20 -20.58
N MET B 374 -27.78 32.26 -19.61
CA MET B 374 -26.50 31.58 -19.70
C MET B 374 -26.61 30.09 -19.38
N TYR B 375 -25.66 29.32 -19.90
CA TYR B 375 -25.55 27.89 -19.62
C TYR B 375 -24.07 27.52 -19.48
N GLN B 376 -23.79 26.54 -18.63
CA GLN B 376 -22.41 26.16 -18.34
C GLN B 376 -22.18 24.65 -18.38
N CYS B 377 -20.91 24.28 -18.48
CA CYS B 377 -20.48 22.89 -18.36
C CYS B 377 -19.32 22.80 -17.37
N PHE B 378 -19.54 22.09 -16.27
CA PHE B 378 -18.54 21.94 -15.22
C PHE B 378 -17.90 20.56 -15.27
N VAL B 379 -16.65 20.50 -15.68
CA VAL B 379 -15.88 19.26 -15.67
C VAL B 379 -15.09 19.20 -14.36
N ARG B 380 -15.41 18.20 -13.54
CA ARG B 380 -14.92 18.13 -12.18
C ARG B 380 -14.25 16.79 -11.88
N ASN B 381 -13.38 16.79 -10.87
CA ASN B 381 -12.91 15.56 -10.25
C ASN B 381 -12.52 15.90 -8.82
N ASP B 382 -11.87 14.97 -8.12
CA ASP B 382 -11.71 15.06 -6.67
C ASP B 382 -11.17 16.42 -6.22
N GLN B 383 -9.89 16.69 -6.44
CA GLN B 383 -9.40 18.06 -6.37
C GLN B 383 -8.86 18.49 -7.73
N GLU B 384 -9.68 19.26 -8.43
CA GLU B 384 -9.35 19.88 -9.70
C GLU B 384 -10.66 20.43 -10.25
N SER B 385 -10.60 21.21 -11.32
CA SER B 385 -11.82 21.68 -11.97
C SER B 385 -11.53 22.48 -13.23
N ALA B 386 -12.56 22.65 -14.04
CA ALA B 386 -12.51 23.53 -15.21
C ALA B 386 -13.92 23.97 -15.56
N GLU B 387 -14.03 25.08 -16.26
CA GLU B 387 -15.33 25.63 -16.61
C GLU B 387 -15.31 26.35 -17.95
N ALA B 388 -16.40 26.22 -18.68
CA ALA B 388 -16.63 26.97 -19.90
C ALA B 388 -18.14 27.13 -20.06
N SER B 389 -18.56 28.06 -20.91
CA SER B 389 -19.98 28.39 -21.01
C SER B 389 -20.43 28.63 -22.45
N ALA B 390 -21.75 28.63 -22.61
CA ALA B 390 -22.40 28.97 -23.86
C ALA B 390 -23.78 29.51 -23.54
N GLU B 391 -24.40 30.19 -24.49
CA GLU B 391 -25.69 30.82 -24.25
C GLU B 391 -26.59 30.74 -25.47
N LEU B 392 -27.88 30.60 -25.22
CA LEU B 392 -28.88 30.53 -26.28
C LEU B 392 -29.81 31.74 -26.22
N LYS B 393 -29.89 32.47 -27.33
CA LYS B 393 -30.78 33.61 -27.45
C LYS B 393 -32.05 33.20 -28.18
N LEU B 394 -33.17 33.79 -27.76
CA LEU B 394 -34.47 33.48 -28.34
C LEU B 394 -34.86 34.48 -29.42
N GLY B 395 -34.98 34.00 -30.66
CA GLY B 395 -35.36 34.84 -31.78
C GLY B 395 -36.30 34.12 -32.73
C1 NAG C . 26.36 -19.63 14.45
C2 NAG C . 27.41 -20.16 15.40
C3 NAG C . 27.71 -19.12 16.47
C4 NAG C . 28.13 -17.80 15.80
C5 NAG C . 27.20 -17.38 14.66
C6 NAG C . 27.81 -16.30 13.80
C7 NAG C . 27.65 -22.57 15.87
C8 NAG C . 27.08 -23.76 16.57
N2 NAG C . 26.97 -21.41 16.01
O3 NAG C . 28.73 -19.59 17.32
O4 NAG C . 28.11 -16.77 16.77
O5 NAG C . 26.89 -18.48 13.78
O6 NAG C . 26.98 -15.94 12.70
O7 NAG C . 28.68 -22.63 15.20
C1 NAG C . 29.26 -15.92 16.65
C2 NAG C . 28.97 -14.67 17.49
C3 NAG C . 30.22 -13.79 17.60
C4 NAG C . 31.39 -14.61 18.11
C5 NAG C . 31.61 -15.80 17.18
C6 NAG C . 32.73 -16.71 17.63
C7 NAG C . 26.59 -13.97 17.32
C8 NAG C . 26.30 -14.87 18.48
N2 NAG C . 27.87 -13.91 16.91
O3 NAG C . 29.95 -12.72 18.49
O4 NAG C . 32.57 -13.81 18.19
O5 NAG C . 30.42 -16.60 17.18
O6 NAG C . 32.36 -18.08 17.54
O7 NAG C . 25.71 -13.30 16.79
C1 BMA C . 33.05 -13.93 19.53
C2 BMA C . 34.59 -13.89 19.56
C3 BMA C . 35.07 -14.08 21.00
C4 BMA C . 34.37 -13.10 21.96
C5 BMA C . 32.84 -13.21 21.83
C6 BMA C . 32.10 -12.19 22.70
O2 BMA C . 35.08 -12.62 19.13
O3 BMA C . 36.49 -13.94 21.10
O4 BMA C . 34.74 -13.38 23.30
O5 BMA C . 32.47 -13.00 20.44
O6 BMA C . 30.69 -12.46 22.65
C1 MAN C . 29.85 -11.78 21.69
C2 MAN C . 30.44 -10.55 20.97
C3 MAN C . 29.43 -9.92 20.01
C4 MAN C . 27.97 -9.83 20.57
C5 MAN C . 27.56 -11.07 21.42
C6 MAN C . 27.13 -12.28 20.58
O2 MAN C . 31.55 -10.90 20.13
O3 MAN C . 29.43 -10.58 18.75
O4 MAN C . 27.82 -8.65 21.35
O5 MAN C . 28.62 -11.49 22.29
O6 MAN C . 25.78 -12.62 20.93
C1 NAG D . -16.14 12.94 3.06
C2 NAG D . -17.54 13.27 2.55
C3 NAG D . -17.89 12.37 1.37
C4 NAG D . -16.81 12.40 0.30
C5 NAG D . -15.41 12.21 0.91
C6 NAG D . -14.30 12.48 -0.07
C7 NAG D . -18.79 14.15 4.47
C8 NAG D . -19.84 13.86 5.50
N2 NAG D . -18.52 13.17 3.61
O3 NAG D . -19.13 12.81 0.82
O4 NAG D . -17.04 11.32 -0.60
O5 NAG D . -15.21 13.11 2.01
O6 NAG D . -13.04 12.49 0.56
O7 NAG D . -18.21 15.23 4.43
C1 NAG D . -17.40 11.67 -1.96
C2 NAG D . -18.87 12.05 -2.11
C3 NAG D . -19.23 12.20 -3.59
C4 NAG D . -18.25 13.11 -4.30
C5 NAG D . -16.81 12.69 -4.02
C6 NAG D . -15.79 13.64 -4.60
C7 NAG D . -21.06 11.22 -1.33
C8 NAG D . -21.78 10.10 -0.64
N2 NAG D . -19.74 11.07 -1.47
O3 NAG D . -20.55 12.72 -3.73
O4 NAG D . -18.48 13.08 -5.71
O5 NAG D . -16.58 12.65 -2.60
O6 NAG D . -15.28 14.53 -3.62
O7 NAG D . -21.64 12.22 -1.75
C1 NAG E . 10.24 -14.96 -10.28
C2 NAG E . 10.52 -16.36 -10.82
C3 NAG E . 9.24 -17.19 -10.83
C4 NAG E . 8.64 -17.20 -9.42
C5 NAG E . 8.37 -15.76 -9.00
C6 NAG E . 7.78 -15.65 -7.61
C7 NAG E . 12.18 -16.95 -12.56
C8 NAG E . 12.83 -17.84 -11.54
N2 NAG E . 11.09 -16.29 -12.16
O3 NAG E . 9.54 -18.52 -11.23
O4 NAG E . 7.46 -18.01 -9.32
O5 NAG E . 9.60 -15.05 -8.98
O6 NAG E . 8.03 -16.81 -6.83
O7 NAG E . 12.62 -16.85 -13.71
C1 NAG E . 6.32 -17.67 -10.13
C2 NAG E . 5.33 -18.82 -9.95
C3 NAG E . 4.02 -18.54 -10.69
C4 NAG E . 3.47 -17.18 -10.29
C5 NAG E . 4.53 -16.11 -10.51
C6 NAG E . 4.09 -14.73 -10.07
C7 NAG E . 6.67 -20.86 -9.61
C8 NAG E . 7.16 -22.13 -10.23
N2 NAG E . 5.90 -20.09 -10.38
O3 NAG E . 3.08 -19.56 -10.40
O4 NAG E . 2.31 -16.87 -11.06
O5 NAG E . 5.70 -16.44 -9.75
O6 NAG E . 4.78 -13.71 -10.78
O7 NAG E . 6.95 -20.55 -8.46
ZN ZN F . 5.54 -25.57 -0.61
ZN ZN G . -0.64 -35.18 4.67
ZN ZN H . 13.40 4.21 10.60
ZN ZN I . 11.22 8.62 11.29
C1 NAG J . 3.60 34.37 11.30
C2 NAG J . 4.13 35.71 11.79
C3 NAG J . 5.47 35.52 12.48
C4 NAG J . 5.36 34.48 13.59
C5 NAG J . 4.74 33.19 13.06
C6 NAG J . 4.44 32.19 14.15
C7 NAG J . 3.85 37.96 10.83
C8 NAG J . 4.02 38.82 9.61
N2 NAG J . 4.23 36.68 10.71
O3 NAG J . 5.90 36.77 13.03
O4 NAG J . 6.65 34.21 14.13
O5 NAG J . 3.50 33.46 12.40
O6 NAG J . 5.44 32.19 15.15
O7 NAG J . 3.35 38.40 11.87
ZN ZN K . -12.50 21.74 -6.05
ZN ZN L . -13.41 28.58 -17.47
#